data_3CMF
#
_entry.id   3CMF
#
_cell.length_a   49.719
_cell.length_b   109.199
_cell.length_c   127.841
_cell.angle_alpha   90.00
_cell.angle_beta   90.00
_cell.angle_gamma   90.00
#
_symmetry.space_group_name_H-M   'P 21 21 21'
#
loop_
_entity.id
_entity.type
_entity.pdbx_description
1 polymer '3-oxo-5-beta-steroid 4-dehydrogenase'
2 non-polymer 'NADP NICOTINAMIDE-ADENINE-DINUCLEOTIDE PHOSPHATE'
3 non-polymer 17,21-DIHYDROXYPREGNA-1,4-DIENE-3,11,20-TRIONE
4 water water
#
_entity_poly.entity_id   1
_entity_poly.type   'polypeptide(L)'
_entity_poly.pdbx_seq_one_letter_code
;MGSSHHHHHHSSGLVPRGSHMDLSAASHRIPLSDGNSIPIIGLGTYSEPKSTPKGACATSVKVAIDTGYRHIDGAYIYQN
EHEVGEAIREKIAEGKVRREDIFYCGKLWATNHVPEMVRPTLERTLRVLQLDYVDLYIIEVPMAFKPGDEIYPRDENGKW
LYHKSNLCATWEAMEACKDAGLVKSLGVSNFNRRQLELILNKPGLKHKPVSNQVECHPYFTQPKLLKFCQQHDIVITAYS
PLGTSRNPIWVNVSSPPLLKDALLNSLGKRYNKTAAQIVLRFNIQRGVVVIPKSFNLERIKENFQIFDFSLTEEEMKDIE
ALNKNVRFVELLMWRDHPEYPFHDEY
;
_entity_poly.pdbx_strand_id   A,B
#
# COMPACT_ATOMS: atom_id res chain seq x y z
N ASP A 22 11.34 10.27 27.83
CA ASP A 22 11.13 10.21 26.35
C ASP A 22 10.29 8.99 25.99
N LEU A 23 10.95 7.86 25.73
CA LEU A 23 10.24 6.63 25.40
C LEU A 23 9.50 6.16 26.64
N SER A 24 8.28 5.67 26.45
CA SER A 24 7.49 5.18 27.58
C SER A 24 6.77 3.90 27.15
N ALA A 25 6.25 3.17 28.13
CA ALA A 25 5.53 1.93 27.85
C ALA A 25 4.37 2.16 26.90
N ALA A 26 3.69 3.29 27.06
CA ALA A 26 2.55 3.61 26.23
C ALA A 26 2.94 4.21 24.89
N SER A 27 4.14 4.77 24.81
CA SER A 27 4.60 5.39 23.57
C SER A 27 6.09 5.22 23.33
N HIS A 28 6.46 4.26 22.48
CA HIS A 28 7.86 4.03 22.18
C HIS A 28 8.13 3.74 20.71
N ARG A 29 7.34 4.35 19.84
CA ARG A 29 7.54 4.14 18.41
C ARG A 29 8.51 5.17 17.85
N ILE A 30 9.47 4.70 17.07
CA ILE A 30 10.45 5.58 16.45
C ILE A 30 10.20 5.65 14.96
N PRO A 31 10.49 6.81 14.34
CA PRO A 31 10.28 6.99 12.91
C PRO A 31 11.14 6.18 11.94
N LEU A 32 10.52 5.77 10.83
CA LEU A 32 11.21 5.05 9.77
C LEU A 32 11.34 6.08 8.65
N SER A 33 12.28 5.88 7.74
CA SER A 33 12.50 6.85 6.67
C SER A 33 11.36 7.01 5.66
N ASP A 34 10.46 6.04 5.60
CA ASP A 34 9.36 6.10 4.65
C ASP A 34 8.11 6.76 5.23
N GLY A 35 8.23 7.37 6.41
CA GLY A 35 7.07 8.02 6.99
C GLY A 35 6.37 7.18 8.04
N ASN A 36 6.67 5.88 8.08
CA ASN A 36 6.05 5.02 9.08
C ASN A 36 6.84 5.07 10.37
N SER A 37 6.43 4.27 11.35
CA SER A 37 7.13 4.23 12.63
C SER A 37 7.20 2.78 13.12
N ILE A 38 8.12 2.50 14.02
CA ILE A 38 8.29 1.15 14.55
C ILE A 38 8.51 1.09 16.06
N PRO A 39 7.70 0.29 16.78
CA PRO A 39 7.83 0.17 18.23
C PRO A 39 9.25 -0.30 18.52
N ILE A 40 9.94 0.43 19.39
CA ILE A 40 11.33 0.15 19.70
C ILE A 40 11.59 -1.22 20.36
N ILE A 41 10.52 -1.84 20.87
CA ILE A 41 10.64 -3.18 21.44
C ILE A 41 9.59 -4.06 20.78
N GLY A 42 9.97 -5.31 20.51
CA GLY A 42 9.04 -6.24 19.90
C GLY A 42 9.27 -7.63 20.45
N LEU A 43 8.33 -8.53 20.24
CA LEU A 43 8.46 -9.90 20.72
C LEU A 43 8.94 -10.80 19.58
N GLY A 44 10.07 -11.48 19.80
CA GLY A 44 10.58 -12.38 18.78
C GLY A 44 9.77 -13.64 18.88
N THR A 45 9.59 -14.36 17.78
CA THR A 45 8.79 -15.58 17.80
C THR A 45 9.47 -16.85 17.31
N TYR A 46 10.79 -16.86 17.15
CA TYR A 46 11.39 -18.11 16.72
C TYR A 46 11.53 -19.04 17.92
N SER A 47 11.23 -20.32 17.71
CA SER A 47 11.34 -21.32 18.76
C SER A 47 11.50 -22.69 18.11
N GLU A 48 12.44 -23.48 18.62
CA GLU A 48 12.71 -24.81 18.07
C GLU A 48 11.40 -25.59 17.90
N PRO A 49 10.97 -25.80 16.65
CA PRO A 49 9.74 -26.53 16.31
C PRO A 49 9.51 -27.80 17.11
N LYS A 50 10.50 -28.69 17.13
CA LYS A 50 10.39 -29.96 17.85
C LYS A 50 10.35 -29.86 19.38
N SER A 51 10.88 -28.79 19.93
CA SER A 51 10.88 -28.64 21.39
C SER A 51 9.97 -27.51 21.85
N THR A 52 8.98 -27.18 21.03
CA THR A 52 8.04 -26.11 21.35
C THR A 52 6.60 -26.59 21.28
N PRO A 53 5.87 -26.49 22.41
CA PRO A 53 4.47 -26.92 22.42
C PRO A 53 3.63 -26.10 21.45
N LYS A 54 2.63 -26.75 20.85
CA LYS A 54 1.74 -26.06 19.92
C LYS A 54 0.95 -25.04 20.73
N GLY A 55 0.71 -23.87 20.15
CA GLY A 55 -0.03 -22.84 20.86
C GLY A 55 0.81 -21.95 21.75
N ALA A 56 2.07 -22.33 21.98
CA ALA A 56 2.96 -21.54 22.82
C ALA A 56 3.20 -20.16 22.22
N CYS A 57 3.38 -20.09 20.91
CA CYS A 57 3.62 -18.81 20.26
C CYS A 57 2.36 -17.94 20.34
N ALA A 58 1.20 -18.53 20.03
CA ALA A 58 -0.06 -17.79 20.10
C ALA A 58 -0.28 -17.21 21.48
N THR A 59 -0.15 -18.05 22.51
CA THR A 59 -0.35 -17.59 23.88
C THR A 59 0.60 -16.44 24.23
N SER A 60 1.87 -16.58 23.84
CA SER A 60 2.89 -15.57 24.12
C SER A 60 2.58 -14.22 23.46
N VAL A 61 2.21 -14.25 22.18
CA VAL A 61 1.90 -13.03 21.47
C VAL A 61 0.74 -12.32 22.18
N LYS A 62 -0.27 -13.09 22.60
CA LYS A 62 -1.40 -12.49 23.31
C LYS A 62 -0.97 -11.84 24.62
N VAL A 63 -0.14 -12.54 25.38
CA VAL A 63 0.35 -12.00 26.65
C VAL A 63 1.18 -10.75 26.39
N ALA A 64 2.00 -10.79 25.34
CA ALA A 64 2.84 -9.66 24.97
C ALA A 64 2.00 -8.42 24.68
N ILE A 65 0.94 -8.59 23.89
CA ILE A 65 0.08 -7.47 23.57
C ILE A 65 -0.59 -6.95 24.85
N ASP A 66 -1.05 -7.86 25.71
CA ASP A 66 -1.66 -7.42 26.96
C ASP A 66 -0.66 -6.68 27.83
N THR A 67 0.60 -7.12 27.81
CA THR A 67 1.65 -6.47 28.60
C THR A 67 1.97 -5.07 28.10
N GLY A 68 1.86 -4.88 26.78
CA GLY A 68 2.13 -3.57 26.20
C GLY A 68 2.89 -3.62 24.88
N TYR A 69 3.35 -4.80 24.49
CA TYR A 69 4.07 -4.94 23.22
C TYR A 69 3.13 -4.58 22.07
N ARG A 70 3.67 -3.93 21.04
CA ARG A 70 2.88 -3.54 19.88
C ARG A 70 3.64 -3.90 18.60
N HIS A 71 4.70 -4.68 18.78
CA HIS A 71 5.56 -5.13 17.70
C HIS A 71 5.80 -6.62 17.87
N ILE A 72 5.57 -7.37 16.80
CA ILE A 72 5.77 -8.81 16.79
C ILE A 72 6.66 -9.11 15.59
N ASP A 73 7.75 -9.84 15.83
CA ASP A 73 8.65 -10.19 14.74
C ASP A 73 8.51 -11.66 14.49
N GLY A 74 8.20 -12.02 13.25
CA GLY A 74 8.04 -13.43 12.92
C GLY A 74 8.51 -13.78 11.52
N ALA A 75 8.29 -15.03 11.12
CA ALA A 75 8.67 -15.48 9.80
C ALA A 75 7.98 -16.78 9.43
N TYR A 76 7.58 -16.90 8.17
CA TYR A 76 6.90 -18.10 7.73
C TYR A 76 7.71 -19.36 8.08
N ILE A 77 9.03 -19.31 7.88
CA ILE A 77 9.88 -20.46 8.16
C ILE A 77 9.95 -20.86 9.64
N TYR A 78 9.42 -20.02 10.52
CA TYR A 78 9.44 -20.34 11.94
C TYR A 78 8.37 -21.39 12.18
N GLN A 79 7.54 -21.59 11.16
CA GLN A 79 6.47 -22.58 11.18
C GLN A 79 5.36 -22.32 12.18
N ASN A 80 5.29 -21.09 12.69
CA ASN A 80 4.26 -20.75 13.66
C ASN A 80 3.60 -19.44 13.28
N GLU A 81 3.82 -19.00 12.06
CA GLU A 81 3.25 -17.73 11.62
C GLU A 81 1.73 -17.74 11.76
N HIS A 82 1.12 -18.93 11.66
CA HIS A 82 -0.33 -19.04 11.80
C HIS A 82 -0.76 -18.79 13.24
N GLU A 83 0.13 -19.09 14.20
CA GLU A 83 -0.19 -18.83 15.61
C GLU A 83 -0.09 -17.34 15.86
N VAL A 84 0.87 -16.71 15.20
CA VAL A 84 1.06 -15.27 15.34
C VAL A 84 -0.21 -14.53 14.88
N GLY A 85 -0.73 -14.95 13.73
CA GLY A 85 -1.93 -14.32 13.20
C GLY A 85 -3.13 -14.56 14.08
N GLU A 86 -3.22 -15.78 14.61
CA GLU A 86 -4.30 -16.18 15.49
C GLU A 86 -4.36 -15.22 16.67
N ALA A 87 -3.20 -14.98 17.29
CA ALA A 87 -3.12 -14.10 18.44
C ALA A 87 -3.42 -12.65 18.12
N ILE A 88 -2.85 -12.14 17.04
CA ILE A 88 -3.09 -10.75 16.66
C ILE A 88 -4.56 -10.49 16.35
N ARG A 89 -5.16 -11.37 15.56
CA ARG A 89 -6.56 -11.21 15.19
C ARG A 89 -7.50 -11.26 16.39
N GLU A 90 -7.17 -12.09 17.38
CA GLU A 90 -8.01 -12.19 18.56
C GLU A 90 -7.94 -10.90 19.36
N LYS A 91 -6.74 -10.33 19.46
CA LYS A 91 -6.59 -9.07 20.20
C LYS A 91 -7.32 -7.94 19.49
N ILE A 92 -7.35 -7.98 18.16
CA ILE A 92 -8.05 -6.94 17.41
C ILE A 92 -9.55 -7.15 17.57
N ALA A 93 -9.96 -8.41 17.44
CA ALA A 93 -11.37 -8.79 17.57
C ALA A 93 -11.98 -8.36 18.90
N GLU A 94 -11.23 -8.51 19.98
CA GLU A 94 -11.74 -8.14 21.29
C GLU A 94 -11.65 -6.64 21.55
N GLY A 95 -10.99 -5.93 20.65
CA GLY A 95 -10.87 -4.49 20.80
C GLY A 95 -9.68 -4.05 21.64
N LYS A 96 -8.75 -4.96 21.92
CA LYS A 96 -7.58 -4.62 22.72
C LYS A 96 -6.72 -3.64 21.92
N VAL A 97 -6.67 -3.85 20.61
CA VAL A 97 -5.91 -2.98 19.72
C VAL A 97 -6.57 -2.96 18.35
N ARG A 98 -6.25 -1.95 17.56
CA ARG A 98 -6.77 -1.83 16.21
C ARG A 98 -5.60 -2.33 15.35
N ARG A 99 -5.89 -2.78 14.13
CA ARG A 99 -4.83 -3.27 13.25
C ARG A 99 -3.67 -2.29 13.14
N GLU A 100 -3.98 -1.01 13.05
CA GLU A 100 -2.96 0.03 12.91
C GLU A 100 -2.06 0.18 14.14
N ASP A 101 -2.50 -0.36 15.27
CA ASP A 101 -1.73 -0.28 16.51
C ASP A 101 -0.70 -1.40 16.60
N ILE A 102 -0.90 -2.46 15.83
CA ILE A 102 0.02 -3.60 15.83
C ILE A 102 1.00 -3.50 14.67
N PHE A 103 2.25 -3.83 14.94
CA PHE A 103 3.31 -3.79 13.94
C PHE A 103 3.85 -5.20 13.79
N TYR A 104 3.60 -5.82 12.64
CA TYR A 104 4.12 -7.17 12.39
C TYR A 104 5.19 -7.19 11.30
N CYS A 105 6.32 -7.85 11.57
CA CYS A 105 7.39 -8.02 10.58
C CYS A 105 7.52 -9.47 10.14
N GLY A 106 7.43 -9.66 8.83
CA GLY A 106 7.57 -10.96 8.23
C GLY A 106 8.84 -10.97 7.39
N LYS A 107 9.30 -12.16 6.99
CA LYS A 107 10.55 -12.28 6.20
C LYS A 107 10.50 -13.22 4.97
N LEU A 108 11.23 -12.82 3.92
CA LEU A 108 11.31 -13.58 2.67
C LEU A 108 12.55 -14.50 2.71
N TRP A 109 12.32 -15.80 2.86
CA TRP A 109 13.41 -16.77 2.94
C TRP A 109 14.23 -16.91 1.65
N ALA A 110 15.44 -17.45 1.81
CA ALA A 110 16.39 -17.66 0.72
C ALA A 110 15.84 -18.42 -0.49
N THR A 111 14.96 -19.38 -0.25
CA THR A 111 14.39 -20.18 -1.33
C THR A 111 13.26 -19.48 -2.08
N ASN A 112 13.03 -18.20 -1.77
CA ASN A 112 11.96 -17.46 -2.42
C ASN A 112 12.44 -16.14 -2.99
N HIS A 113 13.72 -16.07 -3.34
CA HIS A 113 14.28 -14.83 -3.89
C HIS A 113 14.05 -14.60 -5.38
N VAL A 114 13.65 -15.64 -6.10
CA VAL A 114 13.38 -15.47 -7.52
C VAL A 114 12.30 -14.40 -7.60
N PRO A 115 12.55 -13.33 -8.38
CA PRO A 115 11.62 -12.21 -8.55
C PRO A 115 10.13 -12.60 -8.62
N GLU A 116 9.81 -13.53 -9.51
CA GLU A 116 8.43 -13.99 -9.68
C GLU A 116 7.84 -14.66 -8.43
N MET A 117 8.70 -15.12 -7.53
CA MET A 117 8.23 -15.79 -6.31
C MET A 117 7.99 -14.89 -5.12
N VAL A 118 8.55 -13.68 -5.16
CA VAL A 118 8.43 -12.75 -4.06
C VAL A 118 7.00 -12.43 -3.62
N ARG A 119 6.20 -11.88 -4.54
CA ARG A 119 4.83 -11.55 -4.18
C ARG A 119 4.01 -12.75 -3.71
N PRO A 120 4.11 -13.87 -4.42
CA PRO A 120 3.34 -15.05 -4.00
C PRO A 120 3.77 -15.51 -2.61
N THR A 121 5.03 -15.26 -2.27
CA THR A 121 5.53 -15.64 -0.96
C THR A 121 4.95 -14.70 0.10
N LEU A 122 4.87 -13.41 -0.22
CA LEU A 122 4.28 -12.46 0.72
C LEU A 122 2.81 -12.80 0.87
N GLU A 123 2.11 -13.02 -0.25
CA GLU A 123 0.69 -13.35 -0.21
C GLU A 123 0.42 -14.58 0.66
N ARG A 124 1.30 -15.57 0.61
CA ARG A 124 1.13 -16.75 1.42
C ARG A 124 1.13 -16.36 2.89
N THR A 125 2.09 -15.53 3.27
CA THR A 125 2.18 -15.08 4.66
C THR A 125 0.94 -14.31 5.08
N LEU A 126 0.41 -13.48 4.18
CA LEU A 126 -0.79 -12.70 4.47
C LEU A 126 -1.97 -13.64 4.73
N ARG A 127 -2.04 -14.73 3.96
CA ARG A 127 -3.09 -15.74 4.08
C ARG A 127 -2.94 -16.58 5.34
N VAL A 128 -1.69 -16.78 5.74
CA VAL A 128 -1.38 -17.55 6.94
C VAL A 128 -1.75 -16.74 8.18
N LEU A 129 -1.41 -15.46 8.15
CA LEU A 129 -1.72 -14.55 9.25
C LEU A 129 -3.19 -14.15 9.17
N GLN A 130 -3.73 -14.19 7.96
CA GLN A 130 -5.10 -13.80 7.69
C GLN A 130 -5.26 -12.29 7.94
N LEU A 131 -4.33 -11.54 7.36
CA LEU A 131 -4.31 -10.08 7.45
C LEU A 131 -4.14 -9.52 6.04
N ASP A 132 -4.55 -8.27 5.85
CA ASP A 132 -4.47 -7.62 4.54
C ASP A 132 -3.06 -7.17 4.17
N TYR A 133 -2.22 -6.97 5.18
CA TYR A 133 -0.86 -6.51 4.94
C TYR A 133 0.01 -6.71 6.18
N VAL A 134 1.31 -6.60 5.97
CA VAL A 134 2.27 -6.69 7.06
C VAL A 134 2.88 -5.29 7.14
N ASP A 135 3.35 -4.92 8.32
CA ASP A 135 3.94 -3.61 8.49
C ASP A 135 5.33 -3.51 7.91
N LEU A 136 6.06 -4.62 8.01
CA LEU A 136 7.42 -4.69 7.52
C LEU A 136 7.71 -6.06 6.93
N TYR A 137 8.29 -6.08 5.75
CA TYR A 137 8.65 -7.33 5.10
C TYR A 137 10.11 -7.15 4.70
N ILE A 138 10.95 -8.11 5.07
CA ILE A 138 12.37 -8.01 4.79
C ILE A 138 12.99 -9.27 4.19
N ILE A 139 14.05 -9.06 3.40
CA ILE A 139 14.76 -10.17 2.82
C ILE A 139 15.49 -10.80 4.00
N GLU A 140 15.09 -12.03 4.34
CA GLU A 140 15.63 -12.76 5.48
C GLU A 140 17.15 -12.90 5.54
N VAL A 141 17.75 -13.23 4.40
CA VAL A 141 19.19 -13.35 4.26
C VAL A 141 19.54 -12.95 2.84
N PRO A 142 20.73 -12.38 2.61
CA PRO A 142 21.15 -11.96 1.27
C PRO A 142 21.49 -13.11 0.32
N MET A 143 21.48 -14.33 0.85
CA MET A 143 21.79 -15.52 0.08
C MET A 143 20.57 -16.20 -0.52
N ALA A 144 20.66 -16.57 -1.79
CA ALA A 144 19.55 -17.24 -2.45
C ALA A 144 19.82 -18.74 -2.50
N PHE A 145 18.80 -19.53 -2.13
CA PHE A 145 18.92 -20.98 -2.15
C PHE A 145 17.99 -21.53 -3.23
N LYS A 146 18.20 -22.77 -3.63
CA LYS A 146 17.37 -23.39 -4.66
C LYS A 146 15.89 -23.39 -4.27
N PRO A 147 15.05 -22.77 -5.11
CA PRO A 147 13.60 -22.72 -4.83
C PRO A 147 13.02 -24.12 -4.68
N GLY A 148 11.95 -24.25 -3.90
CA GLY A 148 11.33 -25.54 -3.71
C GLY A 148 10.50 -25.62 -2.45
N ASP A 149 10.06 -26.84 -2.11
CA ASP A 149 9.24 -27.04 -0.92
C ASP A 149 10.12 -27.28 0.32
N GLU A 150 11.43 -27.29 0.10
CA GLU A 150 12.37 -27.49 1.19
C GLU A 150 13.13 -26.20 1.47
N ILE A 151 13.04 -25.71 2.70
CA ILE A 151 13.71 -24.48 3.10
C ILE A 151 15.21 -24.65 3.26
N TYR A 152 15.67 -25.90 3.26
CA TYR A 152 17.09 -26.20 3.42
C TYR A 152 17.56 -27.19 2.34
N PRO A 153 17.73 -26.71 1.09
CA PRO A 153 18.17 -27.52 -0.04
C PRO A 153 19.54 -28.16 0.14
N ARG A 154 19.60 -29.47 -0.08
CA ARG A 154 20.85 -30.22 0.04
C ARG A 154 20.73 -31.55 -0.70
N ASP A 155 21.65 -31.80 -1.61
CA ASP A 155 21.64 -33.03 -2.38
C ASP A 155 21.97 -34.23 -1.51
N GLU A 156 22.03 -35.40 -2.14
CA GLU A 156 22.33 -36.65 -1.46
C GLU A 156 23.58 -36.60 -0.59
N ASN A 157 24.59 -35.83 -1.02
CA ASN A 157 25.84 -35.72 -0.27
C ASN A 157 25.78 -34.67 0.84
N GLY A 158 24.62 -34.03 1.00
CA GLY A 158 24.47 -33.03 2.02
C GLY A 158 24.98 -31.67 1.59
N LYS A 159 25.44 -31.59 0.35
CA LYS A 159 25.96 -30.35 -0.22
C LYS A 159 24.81 -29.36 -0.37
N TRP A 160 24.95 -28.18 0.23
CA TRP A 160 23.91 -27.16 0.14
C TRP A 160 23.67 -26.68 -1.29
N LEU A 161 22.43 -26.85 -1.74
CA LEU A 161 22.04 -26.42 -3.09
C LEU A 161 21.78 -24.92 -3.12
N TYR A 162 22.76 -24.18 -3.63
CA TYR A 162 22.66 -22.72 -3.72
C TYR A 162 21.97 -22.26 -4.99
N HIS A 163 21.76 -20.95 -5.09
CA HIS A 163 21.13 -20.36 -6.25
C HIS A 163 21.78 -18.99 -6.45
N LYS A 164 21.95 -18.59 -7.71
CA LYS A 164 22.58 -17.29 -7.99
C LYS A 164 21.70 -16.16 -7.48
N SER A 165 22.27 -15.34 -6.61
CA SER A 165 21.55 -14.21 -6.03
C SER A 165 21.58 -12.98 -6.93
N ASN A 166 20.52 -12.18 -6.85
CA ASN A 166 20.42 -10.94 -7.63
C ASN A 166 19.57 -10.01 -6.76
N LEU A 167 20.18 -9.50 -5.70
CA LEU A 167 19.52 -8.61 -4.75
C LEU A 167 18.71 -7.49 -5.39
N CYS A 168 19.27 -6.82 -6.39
CA CYS A 168 18.57 -5.73 -7.05
C CYS A 168 17.22 -6.19 -7.60
N ALA A 169 17.23 -7.26 -8.37
CA ALA A 169 16.00 -7.79 -8.96
C ALA A 169 15.02 -8.19 -7.88
N THR A 170 15.50 -8.87 -6.86
CA THR A 170 14.64 -9.30 -5.76
C THR A 170 14.00 -8.09 -5.10
N TRP A 171 14.79 -7.04 -4.91
CA TRP A 171 14.30 -5.82 -4.27
C TRP A 171 13.17 -5.19 -5.09
N GLU A 172 13.35 -5.10 -6.40
CA GLU A 172 12.31 -4.53 -7.26
C GLU A 172 11.01 -5.28 -7.06
N ALA A 173 11.11 -6.59 -6.86
CA ALA A 173 9.92 -7.41 -6.65
C ALA A 173 9.31 -7.04 -5.29
N MET A 174 10.16 -6.74 -4.31
CA MET A 174 9.69 -6.34 -2.98
C MET A 174 9.05 -4.95 -3.12
N GLU A 175 9.63 -4.09 -3.95
CA GLU A 175 9.06 -2.75 -4.12
C GLU A 175 7.66 -2.84 -4.71
N ALA A 176 7.45 -3.80 -5.60
CA ALA A 176 6.15 -3.99 -6.23
C ALA A 176 5.11 -4.34 -5.18
N CYS A 177 5.51 -5.12 -4.18
CA CYS A 177 4.60 -5.53 -3.12
C CYS A 177 4.10 -4.31 -2.35
N LYS A 178 4.99 -3.35 -2.10
CA LYS A 178 4.58 -2.17 -1.37
C LYS A 178 3.70 -1.32 -2.27
N ASP A 179 4.02 -1.27 -3.56
CA ASP A 179 3.22 -0.49 -4.50
C ASP A 179 1.79 -1.04 -4.52
N ALA A 180 1.66 -2.36 -4.33
CA ALA A 180 0.35 -3.01 -4.34
C ALA A 180 -0.39 -2.86 -3.00
N GLY A 181 0.26 -2.24 -2.02
CA GLY A 181 -0.36 -2.04 -0.73
C GLY A 181 -0.35 -3.24 0.21
N LEU A 182 0.48 -4.23 -0.11
CA LEU A 182 0.57 -5.45 0.68
C LEU A 182 1.49 -5.33 1.88
N VAL A 183 2.29 -4.27 1.91
CA VAL A 183 3.24 -4.07 3.00
C VAL A 183 3.56 -2.58 3.12
N LYS A 184 3.61 -2.08 4.35
CA LYS A 184 3.88 -0.67 4.58
C LYS A 184 5.34 -0.28 4.43
N SER A 185 6.23 -1.10 4.99
CA SER A 185 7.68 -0.83 4.91
C SER A 185 8.50 -2.02 4.44
N LEU A 186 9.62 -1.73 3.78
CA LEU A 186 10.52 -2.74 3.26
C LEU A 186 11.87 -2.65 3.93
N GLY A 187 12.49 -3.81 4.16
CA GLY A 187 13.79 -3.81 4.79
C GLY A 187 14.60 -5.05 4.44
N VAL A 188 15.71 -5.22 5.14
CA VAL A 188 16.58 -6.36 4.92
C VAL A 188 17.04 -6.96 6.25
N SER A 189 17.72 -8.09 6.19
CA SER A 189 18.24 -8.75 7.39
C SER A 189 19.52 -9.51 7.04
N ASN A 190 20.53 -9.38 7.91
CA ASN A 190 21.82 -10.04 7.69
C ASN A 190 22.55 -9.51 6.47
N PHE A 191 22.32 -8.24 6.15
CA PHE A 191 22.98 -7.58 5.01
C PHE A 191 24.19 -6.79 5.50
N ASN A 192 25.33 -6.94 4.83
CA ASN A 192 26.53 -6.19 5.20
C ASN A 192 26.50 -4.85 4.46
N ARG A 193 27.53 -4.05 4.66
CA ARG A 193 27.60 -2.72 4.03
C ARG A 193 27.53 -2.77 2.51
N ARG A 194 28.26 -3.69 1.90
CA ARG A 194 28.27 -3.81 0.44
C ARG A 194 26.89 -4.12 -0.14
N GLN A 195 26.23 -5.12 0.45
CA GLN A 195 24.91 -5.52 -0.02
C GLN A 195 23.87 -4.40 0.15
N LEU A 196 24.06 -3.58 1.18
CA LEU A 196 23.12 -2.47 1.39
C LEU A 196 23.36 -1.42 0.31
N GLU A 197 24.63 -1.13 0.03
CA GLU A 197 24.99 -0.15 -0.99
C GLU A 197 24.38 -0.54 -2.33
N LEU A 198 24.42 -1.83 -2.62
CA LEU A 198 23.87 -2.37 -3.85
C LEU A 198 22.45 -1.84 -4.08
N ILE A 199 21.61 -1.93 -3.05
CA ILE A 199 20.22 -1.48 -3.12
C ILE A 199 20.15 0.05 -3.09
N LEU A 200 20.88 0.66 -2.17
CA LEU A 200 20.87 2.11 -2.03
C LEU A 200 21.32 2.83 -3.30
N ASN A 201 22.31 2.28 -3.99
CA ASN A 201 22.82 2.89 -5.21
C ASN A 201 22.14 2.33 -6.46
N LYS A 202 21.13 1.49 -6.26
CA LYS A 202 20.43 0.88 -7.38
C LYS A 202 19.81 1.93 -8.30
N PRO A 203 20.04 1.82 -9.61
CA PRO A 203 19.51 2.76 -10.59
C PRO A 203 17.98 2.78 -10.55
N GLY A 204 17.41 3.97 -10.35
CA GLY A 204 15.97 4.09 -10.30
C GLY A 204 15.35 3.41 -9.09
N LEU A 205 15.93 3.65 -7.92
CA LEU A 205 15.44 3.07 -6.67
C LEU A 205 14.11 3.72 -6.29
N LYS A 206 13.13 2.89 -5.97
CA LYS A 206 11.81 3.38 -5.58
C LYS A 206 11.67 3.49 -4.06
N HIS A 207 11.85 2.36 -3.38
CA HIS A 207 11.74 2.33 -1.93
C HIS A 207 13.05 1.88 -1.29
N LYS A 208 13.70 2.79 -0.56
CA LYS A 208 14.95 2.44 0.10
C LYS A 208 14.63 1.58 1.31
N PRO A 209 15.54 0.65 1.67
CA PRO A 209 15.25 -0.19 2.84
C PRO A 209 15.24 0.68 4.08
N VAL A 210 14.23 0.52 4.94
CA VAL A 210 14.11 1.35 6.13
C VAL A 210 14.68 0.66 7.37
N SER A 211 15.01 -0.62 7.22
CA SER A 211 15.51 -1.38 8.34
C SER A 211 16.41 -2.52 7.90
N ASN A 212 17.36 -2.87 8.76
CA ASN A 212 18.26 -3.99 8.52
C ASN A 212 18.29 -4.73 9.87
N GLN A 213 17.71 -5.92 9.89
CA GLN A 213 17.66 -6.71 11.11
C GLN A 213 18.92 -7.56 11.22
N VAL A 214 19.73 -7.32 12.25
CA VAL A 214 20.97 -8.06 12.45
C VAL A 214 21.24 -8.37 13.92
N GLU A 215 22.08 -9.37 14.17
CA GLU A 215 22.44 -9.74 15.53
C GLU A 215 23.09 -8.52 16.17
N CYS A 216 22.67 -8.16 17.38
CA CYS A 216 23.24 -7.00 18.05
C CYS A 216 22.95 -7.03 19.55
N HIS A 217 24.02 -6.89 20.34
CA HIS A 217 23.94 -6.90 21.79
C HIS A 217 25.33 -6.50 22.31
N PRO A 218 25.48 -6.37 23.64
CA PRO A 218 26.76 -5.99 24.23
C PRO A 218 28.00 -6.76 23.78
N TYR A 219 27.84 -8.01 23.33
CA TYR A 219 28.99 -8.78 22.87
C TYR A 219 29.27 -8.59 21.38
N PHE A 220 28.29 -8.00 20.68
CA PHE A 220 28.42 -7.71 19.26
C PHE A 220 27.56 -6.49 19.00
N THR A 221 28.12 -5.33 19.35
CA THR A 221 27.45 -4.04 19.24
C THR A 221 27.23 -3.44 17.86
N GLN A 222 27.80 -4.05 16.82
CA GLN A 222 27.63 -3.55 15.45
C GLN A 222 27.91 -2.05 15.37
N PRO A 223 29.08 -1.61 15.88
CA PRO A 223 29.42 -0.18 15.85
C PRO A 223 29.51 0.46 14.46
N LYS A 224 30.22 -0.18 13.54
CA LYS A 224 30.36 0.39 12.19
C LYS A 224 29.12 0.25 11.32
N LEU A 225 28.44 -0.89 11.41
CA LEU A 225 27.23 -1.09 10.62
C LEU A 225 26.15 -0.12 11.08
N LEU A 226 26.08 0.12 12.38
CA LEU A 226 25.09 1.03 12.93
C LEU A 226 25.30 2.45 12.41
N LYS A 227 26.56 2.89 12.41
CA LYS A 227 26.87 4.25 11.92
C LYS A 227 26.53 4.37 10.45
N PHE A 228 26.82 3.32 9.67
CA PHE A 228 26.51 3.34 8.24
C PHE A 228 25.00 3.45 8.03
N CYS A 229 24.26 2.58 8.69
CA CYS A 229 22.81 2.57 8.55
C CYS A 229 22.20 3.93 8.93
N GLN A 230 22.71 4.56 9.98
CA GLN A 230 22.19 5.85 10.39
C GLN A 230 22.45 6.94 9.34
N GLN A 231 23.55 6.80 8.59
CA GLN A 231 23.83 7.79 7.55
C GLN A 231 22.74 7.75 6.49
N HIS A 232 22.14 6.57 6.33
CA HIS A 232 21.07 6.41 5.34
C HIS A 232 19.69 6.34 5.96
N ASP A 233 19.61 6.75 7.22
CA ASP A 233 18.35 6.75 7.97
C ASP A 233 17.76 5.35 8.09
N ILE A 234 18.62 4.34 7.99
CA ILE A 234 18.17 2.95 8.12
C ILE A 234 18.20 2.57 9.59
N VAL A 235 17.08 2.05 10.11
CA VAL A 235 17.00 1.65 11.50
C VAL A 235 17.45 0.22 11.68
N ILE A 236 18.25 -0.04 12.72
CA ILE A 236 18.71 -1.39 12.95
C ILE A 236 17.86 -2.09 13.99
N THR A 237 17.42 -3.30 13.65
CA THR A 237 16.63 -4.09 14.58
C THR A 237 17.63 -5.14 15.06
N ALA A 238 17.78 -5.23 16.38
CA ALA A 238 18.71 -6.17 16.98
C ALA A 238 18.04 -7.51 17.24
N TYR A 239 18.39 -8.51 16.48
CA TYR A 239 17.85 -9.81 16.75
C TYR A 239 18.75 -10.52 17.72
N SER A 240 18.25 -11.53 18.40
CA SER A 240 19.04 -12.23 19.41
C SER A 240 19.62 -11.18 20.36
N PRO A 241 18.81 -10.17 20.75
CA PRO A 241 19.25 -9.11 21.65
C PRO A 241 19.66 -9.56 23.07
N LEU A 242 19.30 -10.80 23.42
CA LEU A 242 19.65 -11.34 24.73
C LEU A 242 20.76 -12.39 24.62
N GLY A 243 21.37 -12.48 23.43
CA GLY A 243 22.45 -13.43 23.22
C GLY A 243 22.05 -14.82 22.74
N THR A 244 20.79 -14.96 22.31
CA THR A 244 20.22 -16.22 21.81
C THR A 244 19.95 -17.27 22.88
N SER A 245 19.29 -18.35 22.46
CA SER A 245 18.98 -19.46 23.35
C SER A 245 20.24 -20.28 23.57
N ARG A 246 21.28 -19.99 22.78
CA ARG A 246 22.56 -20.69 22.87
C ARG A 246 22.48 -22.17 22.50
N ASN A 247 21.58 -22.49 21.56
CA ASN A 247 21.41 -23.86 21.10
C ASN A 247 22.65 -24.24 20.29
N PRO A 248 23.44 -25.21 20.77
CA PRO A 248 24.66 -25.66 20.08
C PRO A 248 24.45 -26.11 18.63
N ILE A 249 23.26 -26.57 18.32
CA ILE A 249 22.94 -27.01 16.96
C ILE A 249 23.24 -25.94 15.93
N TRP A 250 23.16 -24.67 16.33
CA TRP A 250 23.43 -23.58 15.40
C TRP A 250 24.09 -22.35 16.01
N VAL A 251 24.09 -22.25 17.33
CA VAL A 251 24.69 -21.11 18.00
C VAL A 251 26.13 -21.35 18.43
N ASN A 252 26.99 -20.38 18.13
CA ASN A 252 28.40 -20.44 18.49
C ASN A 252 28.50 -20.09 19.97
N VAL A 253 28.79 -21.09 20.80
CA VAL A 253 28.90 -20.90 22.24
C VAL A 253 30.29 -20.55 22.75
N SER A 254 31.18 -20.17 21.84
CA SER A 254 32.54 -19.80 22.23
C SER A 254 32.47 -18.73 23.31
N SER A 255 31.55 -17.79 23.16
CA SER A 255 31.37 -16.71 24.14
C SER A 255 30.50 -17.20 25.29
N PRO A 256 30.83 -16.78 26.52
CA PRO A 256 30.06 -17.19 27.71
C PRO A 256 28.65 -16.58 27.65
N PRO A 257 27.73 -17.09 28.50
CA PRO A 257 26.36 -16.58 28.54
C PRO A 257 26.31 -15.07 28.70
N LEU A 258 25.73 -14.38 27.71
CA LEU A 258 25.62 -12.93 27.74
C LEU A 258 24.97 -12.43 29.02
N LEU A 259 23.91 -13.14 29.44
CA LEU A 259 23.18 -12.75 30.64
C LEU A 259 23.91 -13.06 31.94
N LYS A 260 25.06 -13.72 31.83
CA LYS A 260 25.86 -14.05 33.02
C LYS A 260 27.01 -13.06 33.18
N ASP A 261 27.08 -12.09 32.28
CA ASP A 261 28.13 -11.07 32.29
C ASP A 261 28.21 -10.34 33.63
N ALA A 262 29.44 -10.16 34.13
CA ALA A 262 29.67 -9.51 35.41
C ALA A 262 29.17 -8.06 35.44
N LEU A 263 29.58 -7.26 34.46
CA LEU A 263 29.17 -5.87 34.42
C LEU A 263 27.66 -5.70 34.24
N LEU A 264 27.07 -6.46 33.32
CA LEU A 264 25.65 -6.36 33.07
C LEU A 264 24.85 -6.66 34.34
N ASN A 265 25.26 -7.70 35.05
CA ASN A 265 24.58 -8.07 36.29
C ASN A 265 24.84 -7.05 37.39
N SER A 266 26.03 -6.49 37.40
CA SER A 266 26.40 -5.49 38.40
C SER A 266 25.52 -4.25 38.22
N LEU A 267 25.41 -3.78 36.99
CA LEU A 267 24.60 -2.61 36.69
C LEU A 267 23.15 -2.92 37.01
N GLY A 268 22.78 -4.18 36.85
CA GLY A 268 21.41 -4.61 37.13
C GLY A 268 21.08 -4.39 38.60
N LYS A 269 22.02 -4.74 39.47
CA LYS A 269 21.81 -4.56 40.90
C LYS A 269 21.64 -3.08 41.22
N ARG A 270 22.32 -2.24 40.46
CA ARG A 270 22.24 -0.80 40.68
C ARG A 270 20.83 -0.26 40.44
N TYR A 271 20.17 -0.75 39.39
CA TYR A 271 18.81 -0.31 39.07
C TYR A 271 17.76 -1.33 39.48
N ASN A 272 18.20 -2.40 40.13
CA ASN A 272 17.31 -3.48 40.56
C ASN A 272 16.59 -4.05 39.34
N LYS A 273 17.37 -4.29 38.29
CA LYS A 273 16.86 -4.86 37.04
C LYS A 273 17.74 -6.07 36.70
N THR A 274 17.21 -6.98 35.90
CA THR A 274 17.97 -8.16 35.49
C THR A 274 18.99 -7.78 34.43
N ALA A 275 19.94 -8.67 34.13
CA ALA A 275 20.93 -8.36 33.09
C ALA A 275 20.20 -8.24 31.76
N ALA A 276 19.16 -9.04 31.60
CA ALA A 276 18.37 -9.00 30.37
C ALA A 276 17.79 -7.60 30.18
N GLN A 277 17.21 -7.04 31.23
CA GLN A 277 16.62 -5.70 31.11
C GLN A 277 17.70 -4.66 30.84
N ILE A 278 18.88 -4.84 31.42
CA ILE A 278 19.99 -3.91 31.21
C ILE A 278 20.39 -3.91 29.73
N VAL A 279 20.58 -5.11 29.16
CA VAL A 279 20.99 -5.21 27.76
C VAL A 279 19.93 -4.70 26.78
N LEU A 280 18.65 -4.80 27.13
CA LEU A 280 17.60 -4.32 26.24
C LEU A 280 17.58 -2.78 26.31
N ARG A 281 17.69 -2.23 27.51
CA ARG A 281 17.69 -0.78 27.67
C ARG A 281 18.86 -0.18 26.89
N PHE A 282 20.00 -0.87 26.95
CA PHE A 282 21.20 -0.43 26.25
C PHE A 282 20.93 -0.17 24.77
N ASN A 283 20.39 -1.16 24.07
CA ASN A 283 20.13 -0.97 22.65
C ASN A 283 19.04 0.03 22.33
N ILE A 284 17.92 -0.01 23.02
CA ILE A 284 16.87 0.95 22.69
C ILE A 284 17.27 2.38 23.01
N GLN A 285 18.16 2.56 23.98
CA GLN A 285 18.61 3.89 24.38
C GLN A 285 19.51 4.50 23.31
N ARG A 286 19.98 3.66 22.40
CA ARG A 286 20.84 4.11 21.31
C ARG A 286 20.08 4.03 19.99
N GLY A 287 18.75 3.96 20.08
CA GLY A 287 17.92 3.90 18.89
C GLY A 287 17.90 2.59 18.12
N VAL A 288 18.28 1.51 18.78
CA VAL A 288 18.29 0.20 18.14
C VAL A 288 17.06 -0.55 18.64
N VAL A 289 16.26 -1.05 17.70
CA VAL A 289 15.04 -1.79 18.03
C VAL A 289 15.43 -3.16 18.56
N VAL A 290 14.75 -3.63 19.59
CA VAL A 290 15.06 -4.94 20.14
C VAL A 290 13.85 -5.86 20.04
N ILE A 291 14.08 -7.10 19.61
CA ILE A 291 13.00 -8.07 19.48
C ILE A 291 13.24 -9.33 20.31
N PRO A 292 13.40 -9.19 21.63
CA PRO A 292 13.64 -10.34 22.51
C PRO A 292 12.54 -11.37 22.42
N LYS A 293 12.95 -12.63 22.33
CA LYS A 293 11.98 -13.72 22.26
C LYS A 293 11.83 -14.41 23.60
N SER A 294 10.58 -14.60 24.01
CA SER A 294 10.26 -15.32 25.23
C SER A 294 8.86 -15.87 25.17
N PHE A 295 8.73 -17.15 25.49
CA PHE A 295 7.44 -17.80 25.52
C PHE A 295 7.10 -18.09 26.99
N ASN A 296 7.75 -17.37 27.89
CA ASN A 296 7.53 -17.51 29.33
C ASN A 296 6.77 -16.28 29.83
N LEU A 297 5.66 -16.51 30.52
CA LEU A 297 4.83 -15.43 31.04
C LEU A 297 5.63 -14.38 31.80
N GLU A 298 6.38 -14.81 32.82
CA GLU A 298 7.16 -13.87 33.61
C GLU A 298 8.21 -13.11 32.82
N ARG A 299 8.99 -13.83 32.01
CA ARG A 299 10.04 -13.18 31.23
C ARG A 299 9.51 -12.24 30.14
N ILE A 300 8.34 -12.55 29.59
CA ILE A 300 7.76 -11.67 28.57
C ILE A 300 7.51 -10.30 29.22
N LYS A 301 6.98 -10.31 30.44
CA LYS A 301 6.70 -9.08 31.17
C LYS A 301 7.99 -8.37 31.61
N GLU A 302 8.95 -9.16 32.09
CA GLU A 302 10.23 -8.62 32.54
C GLU A 302 10.95 -7.85 31.41
N ASN A 303 10.92 -8.41 30.20
CA ASN A 303 11.59 -7.78 29.08
C ASN A 303 10.96 -6.44 28.63
N PHE A 304 9.70 -6.20 29.00
CA PHE A 304 9.04 -4.95 28.61
C PHE A 304 9.28 -3.83 29.63
N GLN A 305 9.70 -4.19 30.84
CA GLN A 305 9.94 -3.20 31.88
C GLN A 305 11.30 -2.51 31.72
N ILE A 306 11.44 -1.76 30.64
CA ILE A 306 12.69 -1.06 30.37
C ILE A 306 12.48 0.42 30.04
N PHE A 307 11.38 0.98 30.53
CA PHE A 307 11.05 2.38 30.29
C PHE A 307 11.03 3.18 31.59
N ASP A 308 11.20 2.49 32.71
CA ASP A 308 11.17 3.14 34.02
C ASP A 308 12.57 3.48 34.56
N PHE A 309 13.54 3.56 33.67
CA PHE A 309 14.90 3.91 34.05
C PHE A 309 15.74 4.16 32.81
N SER A 310 16.93 4.71 33.00
CA SER A 310 17.83 4.98 31.89
C SER A 310 19.26 4.79 32.36
N LEU A 311 20.14 4.43 31.44
CA LEU A 311 21.54 4.21 31.74
C LEU A 311 22.33 5.51 31.57
N THR A 312 23.28 5.76 32.46
CA THR A 312 24.09 6.97 32.37
C THR A 312 24.99 6.83 31.14
N GLU A 313 25.57 7.93 30.68
CA GLU A 313 26.45 7.89 29.52
C GLU A 313 27.67 7.03 29.79
N GLU A 314 28.20 7.12 31.01
CA GLU A 314 29.37 6.34 31.38
C GLU A 314 29.03 4.85 31.33
N GLU A 315 27.84 4.50 31.81
CA GLU A 315 27.41 3.10 31.80
C GLU A 315 27.18 2.64 30.37
N MET A 316 26.60 3.51 29.56
CA MET A 316 26.33 3.20 28.16
C MET A 316 27.65 2.88 27.45
N LYS A 317 28.68 3.65 27.78
CA LYS A 317 29.98 3.46 27.17
C LYS A 317 30.68 2.20 27.69
N ASP A 318 30.48 1.87 28.96
CA ASP A 318 31.11 0.68 29.52
C ASP A 318 30.46 -0.59 28.98
N ILE A 319 29.16 -0.53 28.75
CA ILE A 319 28.43 -1.68 28.22
C ILE A 319 28.86 -1.90 26.78
N GLU A 320 29.03 -0.79 26.05
CA GLU A 320 29.44 -0.85 24.65
C GLU A 320 30.85 -1.45 24.58
N ALA A 321 31.66 -1.17 25.60
CA ALA A 321 33.04 -1.66 25.66
C ALA A 321 33.11 -3.18 25.83
N LEU A 322 31.96 -3.80 26.07
CA LEU A 322 31.89 -5.25 26.24
C LEU A 322 31.96 -5.95 24.89
N ASN A 323 31.85 -5.17 23.81
CA ASN A 323 31.87 -5.72 22.46
C ASN A 323 33.04 -6.68 22.26
N LYS A 324 32.75 -7.88 21.78
CA LYS A 324 33.80 -8.87 21.58
C LYS A 324 34.04 -9.16 20.10
N ASN A 325 33.18 -8.64 19.24
CA ASN A 325 33.33 -8.86 17.80
C ASN A 325 33.20 -10.34 17.48
N VAL A 326 32.42 -11.05 18.28
CA VAL A 326 32.19 -12.48 18.09
C VAL A 326 30.69 -12.69 17.98
N ARG A 327 30.26 -13.32 16.89
CA ARG A 327 28.84 -13.58 16.65
C ARG A 327 28.36 -14.87 17.30
N PHE A 328 27.14 -14.85 17.82
CA PHE A 328 26.54 -16.05 18.39
C PHE A 328 25.92 -16.76 17.20
N VAL A 329 25.57 -15.98 16.18
CA VAL A 329 24.97 -16.53 14.96
C VAL A 329 25.92 -16.34 13.78
N GLU A 330 26.75 -17.36 13.54
CA GLU A 330 27.72 -17.30 12.45
C GLU A 330 27.23 -17.93 11.14
N LEU A 331 26.43 -18.98 11.23
CA LEU A 331 25.90 -19.64 10.03
C LEU A 331 27.07 -20.09 9.14
N LEU A 332 28.10 -20.65 9.77
CA LEU A 332 29.28 -21.11 9.06
C LEU A 332 28.99 -22.08 7.93
N MET A 333 27.91 -22.85 8.06
CA MET A 333 27.56 -23.83 7.03
C MET A 333 27.25 -23.19 5.68
N TRP A 334 27.21 -21.85 5.63
CA TRP A 334 26.94 -21.16 4.38
C TRP A 334 28.00 -20.10 4.09
N ARG A 335 29.16 -20.24 4.73
CA ARG A 335 30.26 -19.29 4.55
C ARG A 335 30.80 -19.30 3.12
N ASP A 336 30.47 -20.35 2.37
CA ASP A 336 30.95 -20.46 0.99
C ASP A 336 29.98 -19.83 -0.02
N HIS A 337 28.75 -19.54 0.42
CA HIS A 337 27.78 -18.92 -0.49
C HIS A 337 28.26 -17.52 -0.88
N PRO A 338 28.20 -17.17 -2.17
CA PRO A 338 28.64 -15.86 -2.65
C PRO A 338 28.14 -14.67 -1.84
N GLU A 339 26.93 -14.77 -1.30
CA GLU A 339 26.38 -13.66 -0.52
C GLU A 339 26.60 -13.74 0.99
N TYR A 340 27.46 -14.64 1.45
CA TYR A 340 27.72 -14.73 2.89
C TYR A 340 28.09 -13.30 3.30
N PRO A 341 27.34 -12.72 4.24
CA PRO A 341 27.61 -11.35 4.69
C PRO A 341 28.63 -11.12 5.80
N PHE A 342 29.05 -12.18 6.47
CA PHE A 342 29.96 -12.07 7.61
C PHE A 342 31.46 -12.14 7.33
N HIS A 343 31.85 -12.16 6.05
CA HIS A 343 33.27 -12.19 5.72
C HIS A 343 33.84 -10.80 5.89
N ASP A 344 33.12 -9.79 5.39
CA ASP A 344 33.59 -8.42 5.49
C ASP A 344 33.52 -7.92 6.94
N GLU A 345 34.25 -6.85 7.23
CA GLU A 345 34.27 -6.28 8.56
C GLU A 345 32.87 -5.86 9.01
N TYR A 346 32.07 -5.37 8.07
CA TYR A 346 30.71 -4.95 8.36
C TYR A 346 29.99 -4.65 7.04
N ASP B 22 -17.91 31.45 -13.78
CA ASP B 22 -16.89 31.47 -14.87
C ASP B 22 -15.74 30.52 -14.54
N LEU B 23 -15.20 29.88 -15.57
CA LEU B 23 -14.08 28.95 -15.40
C LEU B 23 -12.83 29.51 -16.06
N SER B 24 -11.67 29.24 -15.46
CA SER B 24 -10.40 29.69 -16.02
C SER B 24 -9.34 28.65 -15.74
N ALA B 25 -8.23 28.72 -16.46
CA ALA B 25 -7.15 27.76 -16.26
C ALA B 25 -6.70 27.79 -14.81
N ALA B 26 -6.65 28.99 -14.23
CA ALA B 26 -6.20 29.17 -12.85
C ALA B 26 -7.25 28.79 -11.81
N SER B 27 -8.52 28.91 -12.17
CA SER B 27 -9.59 28.59 -11.25
C SER B 27 -10.78 27.98 -11.99
N HIS B 28 -11.02 26.69 -11.76
CA HIS B 28 -12.12 25.99 -12.41
C HIS B 28 -12.77 24.92 -11.54
N ARG B 29 -12.96 25.23 -10.26
CA ARG B 29 -13.57 24.28 -9.33
C ARG B 29 -15.07 24.54 -9.17
N ILE B 30 -15.88 23.51 -9.34
CA ILE B 30 -17.31 23.68 -9.17
C ILE B 30 -17.72 23.04 -7.84
N PRO B 31 -18.80 23.55 -7.22
CA PRO B 31 -19.29 23.04 -5.95
C PRO B 31 -19.93 21.65 -5.92
N LEU B 32 -19.71 20.95 -4.82
CA LEU B 32 -20.28 19.62 -4.59
C LEU B 32 -21.30 19.84 -3.47
N SER B 33 -22.38 19.06 -3.48
CA SER B 33 -23.43 19.20 -2.48
C SER B 33 -22.97 19.12 -1.02
N ASP B 34 -21.79 18.56 -0.78
CA ASP B 34 -21.30 18.44 0.60
C ASP B 34 -20.41 19.60 1.03
N GLY B 35 -20.42 20.68 0.25
CA GLY B 35 -19.61 21.84 0.60
C GLY B 35 -18.24 21.87 -0.05
N ASN B 36 -17.74 20.70 -0.43
CA ASN B 36 -16.44 20.64 -1.08
C ASN B 36 -16.60 21.11 -2.53
N SER B 37 -15.51 21.04 -3.30
CA SER B 37 -15.53 21.46 -4.70
C SER B 37 -14.66 20.50 -5.53
N ILE B 38 -14.86 20.50 -6.84
CA ILE B 38 -14.11 19.60 -7.71
C ILE B 38 -13.63 20.31 -8.98
N PRO B 39 -12.34 20.16 -9.32
CA PRO B 39 -11.80 20.79 -10.53
C PRO B 39 -12.63 20.22 -11.67
N ILE B 40 -13.15 21.08 -12.54
CA ILE B 40 -14.00 20.66 -13.65
C ILE B 40 -13.30 19.77 -14.67
N ILE B 41 -11.97 19.81 -14.69
CA ILE B 41 -11.21 18.94 -15.57
C ILE B 41 -10.17 18.20 -14.77
N GLY B 42 -10.08 16.89 -15.00
CA GLY B 42 -9.11 16.07 -14.30
C GLY B 42 -8.41 15.16 -15.30
N LEU B 43 -7.30 14.55 -14.89
CA LEU B 43 -6.55 13.64 -15.76
C LEU B 43 -6.92 12.19 -15.48
N GLY B 44 -7.40 11.50 -16.50
CA GLY B 44 -7.76 10.09 -16.35
C GLY B 44 -6.50 9.25 -16.32
N THR B 45 -6.51 8.14 -15.60
CA THR B 45 -5.30 7.34 -15.52
C THR B 45 -5.41 5.86 -15.89
N TYR B 46 -6.51 5.44 -16.50
CA TYR B 46 -6.59 4.05 -16.90
C TYR B 46 -5.74 3.87 -18.15
N SER B 47 -4.95 2.80 -18.19
CA SER B 47 -4.11 2.47 -19.33
C SER B 47 -3.84 0.96 -19.30
N GLU B 48 -3.99 0.31 -20.45
CA GLU B 48 -3.78 -1.14 -20.55
C GLU B 48 -2.50 -1.58 -19.84
N PRO B 49 -2.65 -2.23 -18.68
CA PRO B 49 -1.55 -2.74 -17.85
C PRO B 49 -0.49 -3.54 -18.60
N LYS B 50 -0.91 -4.63 -19.22
CA LYS B 50 0.01 -5.49 -19.96
C LYS B 50 0.83 -4.80 -21.05
N SER B 51 0.39 -3.64 -21.50
CA SER B 51 1.12 -2.96 -22.57
C SER B 51 1.60 -1.54 -22.28
N THR B 52 1.38 -1.06 -21.07
CA THR B 52 1.81 0.29 -20.70
C THR B 52 3.12 0.29 -19.93
N PRO B 53 4.13 1.03 -20.41
CA PRO B 53 5.43 1.06 -19.72
C PRO B 53 5.31 1.59 -18.30
N LYS B 54 6.01 0.97 -17.38
CA LYS B 54 5.97 1.41 -15.98
C LYS B 54 6.50 2.83 -15.92
N GLY B 55 5.88 3.66 -15.10
CA GLY B 55 6.32 5.03 -14.95
C GLY B 55 5.59 6.02 -15.84
N ALA B 56 4.94 5.53 -16.89
CA ALA B 56 4.22 6.40 -17.82
C ALA B 56 3.13 7.21 -17.13
N CYS B 57 2.44 6.58 -16.18
CA CYS B 57 1.37 7.24 -15.42
C CYS B 57 1.92 8.33 -14.49
N ALA B 58 2.98 8.00 -13.75
CA ALA B 58 3.59 8.97 -12.83
C ALA B 58 4.09 10.20 -13.59
N THR B 59 4.72 9.97 -14.73
CA THR B 59 5.24 11.06 -15.55
C THR B 59 4.11 11.95 -16.05
N SER B 60 3.02 11.32 -16.49
CA SER B 60 1.87 12.05 -17.00
C SER B 60 1.20 12.89 -15.93
N VAL B 61 1.04 12.35 -14.74
CA VAL B 61 0.42 13.09 -13.66
C VAL B 61 1.28 14.30 -13.30
N LYS B 62 2.58 14.13 -13.31
CA LYS B 62 3.47 15.25 -12.99
C LYS B 62 3.37 16.33 -14.05
N VAL B 63 3.33 15.91 -15.32
CA VAL B 63 3.22 16.86 -16.42
C VAL B 63 1.87 17.58 -16.35
N ALA B 64 0.83 16.84 -15.96
CA ALA B 64 -0.50 17.42 -15.84
C ALA B 64 -0.55 18.48 -14.75
N ILE B 65 0.07 18.19 -13.62
CA ILE B 65 0.08 19.15 -12.53
C ILE B 65 0.85 20.41 -12.94
N ASP B 66 1.99 20.23 -13.61
CA ASP B 66 2.77 21.37 -14.07
C ASP B 66 1.96 22.21 -15.05
N THR B 67 1.17 21.53 -15.87
CA THR B 67 0.33 22.17 -16.88
C THR B 67 -0.78 23.00 -16.22
N GLY B 68 -1.30 22.51 -15.10
CA GLY B 68 -2.36 23.22 -14.42
C GLY B 68 -3.44 22.33 -13.84
N TYR B 69 -3.42 21.05 -14.18
CA TYR B 69 -4.43 20.13 -13.65
C TYR B 69 -4.32 20.06 -12.12
N ARG B 70 -5.46 19.93 -11.47
CA ARG B 70 -5.49 19.84 -10.01
C ARG B 70 -6.41 18.71 -9.55
N HIS B 71 -6.86 17.92 -10.52
CA HIS B 71 -7.75 16.77 -10.29
C HIS B 71 -7.18 15.57 -11.04
N ILE B 72 -7.03 14.46 -10.34
CA ILE B 72 -6.53 13.22 -10.93
C ILE B 72 -7.56 12.13 -10.64
N ASP B 73 -7.92 11.35 -11.66
CA ASP B 73 -8.88 10.27 -11.49
C ASP B 73 -8.15 8.95 -11.61
N GLY B 74 -8.34 8.06 -10.64
CA GLY B 74 -7.68 6.78 -10.69
C GLY B 74 -8.44 5.68 -9.97
N ALA B 75 -7.79 4.52 -9.84
CA ALA B 75 -8.42 3.39 -9.18
C ALA B 75 -7.39 2.32 -8.91
N TYR B 76 -7.59 1.59 -7.81
CA TYR B 76 -6.66 0.53 -7.47
C TYR B 76 -6.58 -0.51 -8.59
N ILE B 77 -7.73 -0.85 -9.18
CA ILE B 77 -7.74 -1.86 -10.24
C ILE B 77 -7.05 -1.42 -11.53
N TYR B 78 -6.68 -0.15 -11.63
CA TYR B 78 -6.00 0.34 -12.82
C TYR B 78 -4.56 -0.16 -12.78
N GLN B 79 -4.17 -0.69 -11.61
CA GLN B 79 -2.83 -1.24 -11.42
C GLN B 79 -1.70 -0.22 -11.35
N ASN B 80 -2.03 1.06 -11.42
CA ASN B 80 -1.01 2.10 -11.38
C ASN B 80 -1.29 3.19 -10.36
N GLU B 81 -2.17 2.90 -9.40
CA GLU B 81 -2.52 3.90 -8.40
C GLU B 81 -1.31 4.38 -7.61
N HIS B 82 -0.30 3.54 -7.48
CA HIS B 82 0.93 3.92 -6.74
C HIS B 82 1.70 4.99 -7.53
N GLU B 83 1.61 4.92 -8.86
CA GLU B 83 2.29 5.90 -9.69
C GLU B 83 1.64 7.27 -9.52
N VAL B 84 0.33 7.27 -9.28
CA VAL B 84 -0.40 8.50 -9.06
C VAL B 84 0.07 9.11 -7.75
N GLY B 85 0.23 8.27 -6.73
CA GLY B 85 0.69 8.73 -5.44
C GLY B 85 2.09 9.31 -5.51
N GLU B 86 2.96 8.61 -6.23
CA GLU B 86 4.34 9.04 -6.41
C GLU B 86 4.40 10.44 -7.01
N ALA B 87 3.65 10.63 -8.08
CA ALA B 87 3.61 11.91 -8.79
C ALA B 87 3.07 13.05 -7.94
N ILE B 88 1.95 12.80 -7.27
CA ILE B 88 1.34 13.80 -6.41
C ILE B 88 2.27 14.19 -5.26
N ARG B 89 2.83 13.19 -4.60
CA ARG B 89 3.74 13.42 -3.48
C ARG B 89 5.00 14.18 -3.93
N GLU B 90 5.47 13.87 -5.13
CA GLU B 90 6.66 14.54 -5.65
C GLU B 90 6.38 16.03 -5.91
N LYS B 91 5.27 16.32 -6.56
CA LYS B 91 4.92 17.71 -6.85
C LYS B 91 4.66 18.50 -5.57
N ILE B 92 4.22 17.80 -4.53
CA ILE B 92 3.97 18.44 -3.25
C ILE B 92 5.33 18.70 -2.57
N ALA B 93 6.27 17.78 -2.79
CA ALA B 93 7.60 17.90 -2.21
C ALA B 93 8.38 19.07 -2.78
N GLU B 94 8.27 19.28 -4.10
CA GLU B 94 8.99 20.38 -4.72
C GLU B 94 8.27 21.71 -4.51
N GLY B 95 7.14 21.66 -3.79
CA GLY B 95 6.40 22.87 -3.52
C GLY B 95 5.56 23.41 -4.67
N LYS B 96 5.31 22.57 -5.66
CA LYS B 96 4.52 22.98 -6.82
C LYS B 96 3.06 23.18 -6.39
N VAL B 97 2.59 22.36 -5.47
CA VAL B 97 1.22 22.46 -4.98
C VAL B 97 1.12 21.89 -3.56
N ARG B 98 0.00 22.18 -2.90
CA ARG B 98 -0.25 21.69 -1.56
C ARG B 98 -1.22 20.51 -1.66
N ARG B 99 -1.23 19.64 -0.66
CA ARG B 99 -2.13 18.50 -0.70
C ARG B 99 -3.56 18.96 -0.90
N GLU B 100 -3.91 20.08 -0.27
CA GLU B 100 -5.25 20.63 -0.36
C GLU B 100 -5.59 21.17 -1.74
N ASP B 101 -4.57 21.38 -2.57
CA ASP B 101 -4.81 21.89 -3.92
C ASP B 101 -5.05 20.77 -4.92
N ILE B 102 -4.74 19.54 -4.53
CA ILE B 102 -4.93 18.38 -5.40
C ILE B 102 -6.18 17.60 -5.02
N PHE B 103 -6.92 17.17 -6.04
CA PHE B 103 -8.15 16.41 -5.86
C PHE B 103 -7.97 15.05 -6.49
N TYR B 104 -7.94 14.01 -5.65
CA TYR B 104 -7.82 12.65 -6.16
C TYR B 104 -9.08 11.86 -5.91
N CYS B 105 -9.53 11.17 -6.96
CA CYS B 105 -10.71 10.33 -6.87
C CYS B 105 -10.25 8.88 -6.92
N GLY B 106 -10.75 8.09 -5.99
CA GLY B 106 -10.42 6.68 -5.92
C GLY B 106 -11.70 5.89 -6.09
N LYS B 107 -11.62 4.61 -6.41
CA LYS B 107 -12.82 3.81 -6.62
C LYS B 107 -12.84 2.45 -5.92
N LEU B 108 -14.01 2.09 -5.39
CA LEU B 108 -14.23 0.83 -4.69
C LEU B 108 -14.78 -0.20 -5.71
N TRP B 109 -13.96 -1.16 -6.10
CA TRP B 109 -14.38 -2.16 -7.10
C TRP B 109 -15.46 -3.15 -6.62
N ALA B 110 -16.16 -3.73 -7.59
CA ALA B 110 -17.25 -4.68 -7.37
C ALA B 110 -16.96 -5.83 -6.39
N THR B 111 -15.71 -6.29 -6.37
CA THR B 111 -15.30 -7.38 -5.49
C THR B 111 -15.09 -6.93 -4.05
N ASN B 112 -15.34 -5.66 -3.78
CA ASN B 112 -15.13 -5.12 -2.44
C ASN B 112 -16.37 -4.43 -1.88
N HIS B 113 -17.55 -4.88 -2.28
CA HIS B 113 -18.78 -4.27 -1.80
C HIS B 113 -19.29 -4.74 -0.45
N VAL B 114 -18.75 -5.86 0.05
CA VAL B 114 -19.18 -6.35 1.36
C VAL B 114 -18.87 -5.22 2.34
N PRO B 115 -19.86 -4.82 3.16
CA PRO B 115 -19.67 -3.74 4.13
C PRO B 115 -18.33 -3.77 4.89
N GLU B 116 -18.01 -4.94 5.45
CA GLU B 116 -16.79 -5.13 6.22
C GLU B 116 -15.51 -4.94 5.40
N MET B 117 -15.62 -5.03 4.07
CA MET B 117 -14.45 -4.86 3.21
C MET B 117 -14.22 -3.44 2.73
N VAL B 118 -15.24 -2.60 2.80
CA VAL B 118 -15.10 -1.23 2.34
C VAL B 118 -13.96 -0.41 2.96
N ARG B 119 -13.92 -0.31 4.29
CA ARG B 119 -12.86 0.48 4.90
C ARG B 119 -11.46 -0.07 4.62
N PRO B 120 -11.26 -1.38 4.82
CA PRO B 120 -9.93 -1.96 4.56
C PRO B 120 -9.50 -1.72 3.11
N THR B 121 -10.45 -1.71 2.19
CA THR B 121 -10.15 -1.48 0.78
C THR B 121 -9.65 -0.05 0.55
N LEU B 122 -10.30 0.91 1.19
CA LEU B 122 -9.88 2.30 1.07
C LEU B 122 -8.52 2.46 1.75
N GLU B 123 -8.34 1.81 2.90
CA GLU B 123 -7.08 1.91 3.60
C GLU B 123 -5.94 1.38 2.74
N ARG B 124 -6.23 0.33 1.96
CA ARG B 124 -5.23 -0.25 1.07
C ARG B 124 -4.80 0.81 0.06
N THR B 125 -5.79 1.53 -0.47
CA THR B 125 -5.51 2.58 -1.44
C THR B 125 -4.71 3.71 -0.79
N LEU B 126 -4.98 4.01 0.48
CA LEU B 126 -4.23 5.06 1.15
C LEU B 126 -2.78 4.63 1.33
N ARG B 127 -2.55 3.33 1.55
CA ARG B 127 -1.18 2.83 1.70
C ARG B 127 -0.47 2.96 0.34
N VAL B 128 -1.18 2.56 -0.71
CA VAL B 128 -0.67 2.62 -2.07
C VAL B 128 -0.24 4.03 -2.45
N LEU B 129 -1.09 5.02 -2.14
CA LEU B 129 -0.82 6.41 -2.45
C LEU B 129 0.11 7.07 -1.45
N GLN B 130 0.14 6.50 -0.24
CA GLN B 130 0.94 7.03 0.85
C GLN B 130 0.38 8.40 1.21
N LEU B 131 -0.95 8.51 1.16
CA LEU B 131 -1.63 9.75 1.52
C LEU B 131 -2.58 9.45 2.67
N ASP B 132 -2.95 10.50 3.42
CA ASP B 132 -3.82 10.35 4.58
C ASP B 132 -5.30 10.19 4.22
N TYR B 133 -5.70 10.70 3.06
CA TYR B 133 -7.09 10.61 2.62
C TYR B 133 -7.23 10.85 1.13
N VAL B 134 -8.41 10.49 0.60
CA VAL B 134 -8.73 10.71 -0.80
C VAL B 134 -9.81 11.77 -0.82
N ASP B 135 -9.85 12.58 -1.85
CA ASP B 135 -10.83 13.64 -1.93
C ASP B 135 -12.21 13.13 -2.29
N LEU B 136 -12.24 12.08 -3.11
CA LEU B 136 -13.48 11.47 -3.54
C LEU B 136 -13.32 9.96 -3.71
N TYR B 137 -14.18 9.20 -3.03
CA TYR B 137 -14.16 7.74 -3.13
C TYR B 137 -15.55 7.38 -3.62
N ILE B 138 -15.65 6.57 -4.67
CA ILE B 138 -16.94 6.20 -5.24
C ILE B 138 -17.07 4.71 -5.53
N ILE B 139 -18.30 4.21 -5.47
CA ILE B 139 -18.52 2.81 -5.79
C ILE B 139 -18.35 2.79 -7.30
N GLU B 140 -17.38 1.99 -7.74
CA GLU B 140 -17.01 1.88 -9.15
C GLU B 140 -18.12 1.39 -10.09
N VAL B 141 -18.92 0.44 -9.61
CA VAL B 141 -20.06 -0.09 -10.37
C VAL B 141 -21.10 -0.51 -9.34
N PRO B 142 -22.38 -0.56 -9.75
CA PRO B 142 -23.47 -0.95 -8.86
C PRO B 142 -23.55 -2.46 -8.64
N MET B 143 -22.81 -3.20 -9.44
CA MET B 143 -22.82 -4.65 -9.34
C MET B 143 -21.82 -5.20 -8.34
N ALA B 144 -22.26 -6.11 -7.49
CA ALA B 144 -21.37 -6.71 -6.50
C ALA B 144 -20.84 -8.03 -7.07
N PHE B 145 -19.52 -8.22 -6.99
CA PHE B 145 -18.88 -9.44 -7.47
C PHE B 145 -18.39 -10.24 -6.26
N LYS B 146 -18.02 -11.50 -6.49
CA LYS B 146 -17.54 -12.36 -5.41
C LYS B 146 -16.30 -11.77 -4.76
N PRO B 147 -16.29 -11.70 -3.42
CA PRO B 147 -15.15 -11.16 -2.68
C PRO B 147 -13.86 -11.94 -2.97
N GLY B 148 -12.72 -11.27 -2.81
CA GLY B 148 -11.44 -11.91 -3.04
C GLY B 148 -10.43 -10.94 -3.62
N ASP B 149 -9.18 -11.36 -3.75
CA ASP B 149 -8.13 -10.51 -4.30
C ASP B 149 -8.34 -10.32 -5.81
N GLU B 150 -8.75 -11.40 -6.48
CA GLU B 150 -8.99 -11.33 -7.92
C GLU B 150 -10.08 -10.32 -8.23
N ILE B 151 -9.76 -9.38 -9.11
CA ILE B 151 -10.71 -8.33 -9.47
C ILE B 151 -11.71 -8.78 -10.54
N TYR B 152 -11.37 -9.83 -11.28
CA TYR B 152 -12.26 -10.35 -12.32
C TYR B 152 -12.46 -11.84 -12.06
N PRO B 153 -13.19 -12.18 -10.98
CA PRO B 153 -13.44 -13.57 -10.60
C PRO B 153 -14.38 -14.34 -11.53
N ARG B 154 -13.94 -15.53 -11.92
CA ARG B 154 -14.69 -16.42 -12.80
C ARG B 154 -14.36 -17.86 -12.41
N ASP B 155 -15.29 -18.78 -12.65
CA ASP B 155 -15.06 -20.18 -12.30
C ASP B 155 -14.30 -20.91 -13.40
N GLU B 156 -14.11 -22.23 -13.22
CA GLU B 156 -13.38 -23.04 -14.20
C GLU B 156 -13.94 -22.94 -15.61
N ASN B 157 -15.21 -22.59 -15.72
CA ASN B 157 -15.86 -22.48 -17.02
C ASN B 157 -15.93 -21.04 -17.52
N GLY B 158 -15.21 -20.14 -16.85
CA GLY B 158 -15.22 -18.75 -17.26
C GLY B 158 -16.48 -17.99 -16.88
N LYS B 159 -17.34 -18.62 -16.08
CA LYS B 159 -18.57 -17.96 -15.67
C LYS B 159 -18.27 -16.91 -14.59
N TRP B 160 -18.70 -15.67 -14.82
CA TRP B 160 -18.44 -14.59 -13.87
C TRP B 160 -19.08 -14.87 -12.52
N LEU B 161 -18.28 -14.75 -11.46
CA LEU B 161 -18.73 -14.99 -10.10
C LEU B 161 -19.24 -13.72 -9.44
N TYR B 162 -20.54 -13.70 -9.13
CA TYR B 162 -21.15 -12.52 -8.52
C TYR B 162 -21.45 -12.70 -7.05
N HIS B 163 -21.99 -11.65 -6.44
CA HIS B 163 -22.36 -11.70 -5.03
C HIS B 163 -23.64 -10.88 -4.91
N LYS B 164 -24.42 -11.14 -3.86
CA LYS B 164 -25.68 -10.43 -3.69
C LYS B 164 -25.43 -8.95 -3.42
N SER B 165 -25.93 -8.09 -4.31
CA SER B 165 -25.73 -6.64 -4.16
C SER B 165 -26.60 -6.07 -3.03
N ASN B 166 -26.03 -5.15 -2.28
CA ASN B 166 -26.74 -4.49 -1.19
C ASN B 166 -26.20 -3.06 -1.16
N LEU B 167 -26.59 -2.28 -2.15
CA LEU B 167 -26.12 -0.90 -2.27
C LEU B 167 -26.28 -0.08 -0.99
N CYS B 168 -27.40 -0.21 -0.32
CA CYS B 168 -27.62 0.55 0.91
C CYS B 168 -26.60 0.21 1.99
N ALA B 169 -26.34 -1.08 2.20
CA ALA B 169 -25.38 -1.52 3.20
C ALA B 169 -23.96 -1.10 2.83
N THR B 170 -23.64 -1.13 1.53
CA THR B 170 -22.32 -0.75 1.05
C THR B 170 -22.17 0.75 1.27
N TRP B 171 -23.23 1.51 0.99
CA TRP B 171 -23.16 2.95 1.17
C TRP B 171 -22.88 3.32 2.62
N GLU B 172 -23.49 2.60 3.57
CA GLU B 172 -23.25 2.89 4.98
C GLU B 172 -21.77 2.77 5.33
N ALA B 173 -21.12 1.75 4.78
CA ALA B 173 -19.70 1.52 5.03
C ALA B 173 -18.91 2.69 4.46
N MET B 174 -19.37 3.21 3.31
CA MET B 174 -18.71 4.35 2.68
C MET B 174 -18.84 5.57 3.58
N GLU B 175 -20.04 5.77 4.13
CA GLU B 175 -20.30 6.89 5.02
C GLU B 175 -19.41 6.80 6.26
N ALA B 176 -19.21 5.58 6.74
CA ALA B 176 -18.37 5.35 7.90
C ALA B 176 -16.95 5.82 7.57
N CYS B 177 -16.53 5.59 6.32
CA CYS B 177 -15.20 6.03 5.89
C CYS B 177 -15.06 7.53 5.94
N LYS B 178 -16.10 8.24 5.50
CA LYS B 178 -16.05 9.70 5.52
C LYS B 178 -15.98 10.22 6.96
N ASP B 179 -16.78 9.65 7.87
CA ASP B 179 -16.76 10.10 9.25
C ASP B 179 -15.42 9.79 9.91
N ALA B 180 -14.68 8.84 9.36
CA ALA B 180 -13.38 8.48 9.90
C ALA B 180 -12.28 9.37 9.33
N GLY B 181 -12.67 10.33 8.50
CA GLY B 181 -11.73 11.27 7.91
C GLY B 181 -10.85 10.71 6.81
N LEU B 182 -11.16 9.50 6.36
CA LEU B 182 -10.38 8.85 5.31
C LEU B 182 -10.76 9.30 3.91
N VAL B 183 -11.84 10.06 3.79
CA VAL B 183 -12.29 10.54 2.48
C VAL B 183 -13.17 11.77 2.67
N LYS B 184 -12.96 12.79 1.84
CA LYS B 184 -13.73 14.02 1.96
C LYS B 184 -15.12 13.98 1.36
N SER B 185 -15.26 13.37 0.19
CA SER B 185 -16.55 13.29 -0.49
C SER B 185 -16.84 11.87 -0.98
N LEU B 186 -18.11 11.50 -0.99
CA LEU B 186 -18.53 10.17 -1.44
C LEU B 186 -19.36 10.28 -2.72
N GLY B 187 -19.24 9.27 -3.56
CA GLY B 187 -19.98 9.27 -4.81
C GLY B 187 -20.15 7.89 -5.40
N VAL B 188 -20.67 7.83 -6.62
CA VAL B 188 -20.89 6.56 -7.30
C VAL B 188 -20.45 6.61 -8.76
N SER B 189 -20.55 5.48 -9.44
CA SER B 189 -20.16 5.40 -10.83
C SER B 189 -20.95 4.29 -11.53
N ASN B 190 -21.40 4.56 -12.75
CA ASN B 190 -22.17 3.58 -13.52
C ASN B 190 -23.51 3.24 -12.86
N PHE B 191 -24.05 4.22 -12.15
CA PHE B 191 -25.34 4.07 -11.48
C PHE B 191 -26.44 4.66 -12.36
N ASN B 192 -27.56 3.97 -12.48
CA ASN B 192 -28.68 4.47 -13.26
C ASN B 192 -29.64 5.17 -12.29
N ARG B 193 -30.72 5.75 -12.81
CA ARG B 193 -31.67 6.45 -11.95
C ARG B 193 -32.15 5.60 -10.77
N ARG B 194 -32.67 4.41 -11.07
CA ARG B 194 -33.15 3.53 -10.01
C ARG B 194 -32.11 3.34 -8.89
N GLN B 195 -30.89 2.98 -9.27
CA GLN B 195 -29.84 2.75 -8.29
C GLN B 195 -29.49 4.01 -7.47
N LEU B 196 -29.57 5.18 -8.10
CA LEU B 196 -29.29 6.41 -7.37
C LEU B 196 -30.38 6.70 -6.33
N GLU B 197 -31.63 6.48 -6.70
CA GLU B 197 -32.74 6.74 -5.78
C GLU B 197 -32.77 5.79 -4.59
N LEU B 198 -32.26 4.58 -4.78
CA LEU B 198 -32.21 3.61 -3.69
C LEU B 198 -31.40 4.20 -2.54
N ILE B 199 -30.30 4.85 -2.89
CA ILE B 199 -29.44 5.45 -1.88
C ILE B 199 -30.05 6.77 -1.40
N LEU B 200 -30.58 7.54 -2.32
CA LEU B 200 -31.20 8.83 -2.01
C LEU B 200 -32.39 8.70 -1.06
N ASN B 201 -33.08 7.57 -1.11
CA ASN B 201 -34.25 7.36 -0.25
C ASN B 201 -33.95 6.45 0.93
N LYS B 202 -32.72 5.98 1.02
CA LYS B 202 -32.33 5.09 2.11
C LYS B 202 -32.54 5.74 3.48
N PRO B 203 -33.07 4.97 4.44
CA PRO B 203 -33.31 5.50 5.79
C PRO B 203 -31.99 5.73 6.50
N GLY B 204 -31.93 6.80 7.30
CA GLY B 204 -30.71 7.09 8.03
C GLY B 204 -29.59 7.63 7.15
N LEU B 205 -29.90 7.93 5.89
CA LEU B 205 -28.90 8.46 4.97
C LEU B 205 -28.16 9.62 5.64
N LYS B 206 -26.84 9.52 5.72
CA LYS B 206 -26.05 10.58 6.35
C LYS B 206 -25.31 11.41 5.33
N HIS B 207 -24.75 10.75 4.31
CA HIS B 207 -24.02 11.45 3.27
C HIS B 207 -24.57 11.10 1.90
N LYS B 208 -25.25 12.05 1.28
CA LYS B 208 -25.81 11.84 -0.05
C LYS B 208 -24.68 11.84 -1.08
N PRO B 209 -24.82 11.05 -2.16
CA PRO B 209 -23.80 10.99 -3.22
C PRO B 209 -23.66 12.36 -3.86
N VAL B 210 -22.44 12.85 -3.98
CA VAL B 210 -22.23 14.16 -4.58
C VAL B 210 -21.85 14.05 -6.05
N SER B 211 -21.49 12.84 -6.47
CA SER B 211 -21.05 12.62 -7.84
C SER B 211 -21.41 11.24 -8.42
N ASN B 212 -21.62 11.19 -9.73
CA ASN B 212 -21.91 9.94 -10.45
C ASN B 212 -21.07 9.97 -11.72
N GLN B 213 -20.06 9.11 -11.75
CA GLN B 213 -19.16 9.04 -12.89
C GLN B 213 -19.70 8.05 -13.92
N VAL B 214 -20.07 8.56 -15.09
CA VAL B 214 -20.61 7.75 -16.17
C VAL B 214 -20.02 8.15 -17.51
N GLU B 215 -20.18 7.29 -18.51
CA GLU B 215 -19.67 7.58 -19.85
C GLU B 215 -20.46 8.78 -20.37
N CYS B 216 -19.77 9.83 -20.80
CA CYS B 216 -20.47 10.99 -21.33
C CYS B 216 -19.60 11.75 -22.33
N HIS B 217 -20.16 11.97 -23.51
CA HIS B 217 -19.48 12.64 -24.61
C HIS B 217 -20.56 12.90 -25.67
N PRO B 218 -20.22 13.62 -26.76
CA PRO B 218 -21.17 13.92 -27.84
C PRO B 218 -22.02 12.80 -28.45
N TYR B 219 -21.52 11.57 -28.40
CA TYR B 219 -22.27 10.42 -28.96
C TYR B 219 -23.14 9.76 -27.89
N PHE B 220 -22.91 10.11 -26.64
CA PHE B 220 -23.71 9.57 -25.55
C PHE B 220 -23.76 10.68 -24.50
N THR B 221 -24.61 11.67 -24.77
CA THR B 221 -24.77 12.85 -23.92
C THR B 221 -25.47 12.72 -22.58
N GLN B 222 -26.10 11.58 -22.31
CA GLN B 222 -26.79 11.37 -21.04
C GLN B 222 -27.86 12.43 -20.72
N PRO B 223 -28.75 12.74 -21.67
CA PRO B 223 -29.80 13.75 -21.46
C PRO B 223 -30.63 13.57 -20.18
N LYS B 224 -31.31 12.44 -20.07
CA LYS B 224 -32.16 12.19 -18.91
C LYS B 224 -31.43 11.97 -17.58
N LEU B 225 -30.32 11.24 -17.60
CA LEU B 225 -29.58 11.02 -16.36
C LEU B 225 -28.99 12.33 -15.85
N LEU B 226 -28.48 13.16 -16.75
CA LEU B 226 -27.89 14.44 -16.36
C LEU B 226 -28.94 15.32 -15.69
N LYS B 227 -30.12 15.42 -16.33
CA LYS B 227 -31.19 16.23 -15.78
C LYS B 227 -31.59 15.72 -14.39
N PHE B 228 -31.63 14.40 -14.25
CA PHE B 228 -32.00 13.79 -12.98
C PHE B 228 -30.96 14.12 -11.91
N CYS B 229 -29.69 13.96 -12.26
CA CYS B 229 -28.64 14.25 -11.30
C CYS B 229 -28.63 15.73 -10.92
N GLN B 230 -28.90 16.62 -11.89
CA GLN B 230 -28.92 18.04 -11.58
C GLN B 230 -30.04 18.37 -10.58
N GLN B 231 -31.17 17.69 -10.71
CA GLN B 231 -32.29 17.93 -9.81
C GLN B 231 -31.99 17.50 -8.38
N HIS B 232 -31.06 16.56 -8.23
CA HIS B 232 -30.68 16.07 -6.92
C HIS B 232 -29.29 16.56 -6.49
N ASP B 233 -28.86 17.66 -7.09
CA ASP B 233 -27.56 18.24 -6.76
C ASP B 233 -26.42 17.23 -6.84
N ILE B 234 -26.46 16.40 -7.88
CA ILE B 234 -25.43 15.40 -8.10
C ILE B 234 -24.67 15.78 -9.36
N VAL B 235 -23.36 15.99 -9.21
CA VAL B 235 -22.54 16.37 -10.35
C VAL B 235 -22.12 15.14 -11.13
N ILE B 236 -22.22 15.21 -12.45
CA ILE B 236 -21.83 14.08 -13.26
C ILE B 236 -20.39 14.29 -13.72
N THR B 237 -19.60 13.22 -13.64
CA THR B 237 -18.22 13.25 -14.10
C THR B 237 -18.26 12.37 -15.34
N ALA B 238 -17.82 12.92 -16.47
CA ALA B 238 -17.82 12.21 -17.74
C ALA B 238 -16.57 11.38 -17.93
N TYR B 239 -16.64 10.08 -17.79
CA TYR B 239 -15.51 9.27 -18.08
C TYR B 239 -15.47 8.96 -19.55
N SER B 240 -14.31 8.59 -20.09
CA SER B 240 -14.17 8.38 -21.53
C SER B 240 -14.75 9.60 -22.25
N PRO B 241 -14.39 10.81 -21.80
CA PRO B 241 -14.89 12.06 -22.41
C PRO B 241 -14.46 12.27 -23.86
N LEU B 242 -13.43 11.55 -24.30
CA LEU B 242 -12.96 11.67 -25.66
C LEU B 242 -13.38 10.45 -26.50
N GLY B 243 -14.25 9.62 -25.96
CA GLY B 243 -14.71 8.46 -26.70
C GLY B 243 -13.91 7.17 -26.51
N THR B 244 -13.08 7.14 -25.47
CA THR B 244 -12.25 5.98 -25.13
C THR B 244 -11.07 5.80 -26.07
N SER B 245 -10.20 4.85 -25.74
CA SER B 245 -9.03 4.54 -26.55
C SER B 245 -9.41 3.63 -27.72
N ARG B 246 -10.68 3.23 -27.77
CA ARG B 246 -11.22 2.37 -28.81
C ARG B 246 -10.51 1.02 -28.92
N ASN B 247 -10.29 0.38 -27.78
CA ASN B 247 -9.64 -0.92 -27.76
C ASN B 247 -10.70 -1.98 -28.04
N PRO B 248 -10.71 -2.52 -29.27
CA PRO B 248 -11.67 -3.55 -29.68
C PRO B 248 -11.87 -4.67 -28.67
N ILE B 249 -10.83 -4.91 -27.87
CA ILE B 249 -10.87 -5.95 -26.85
C ILE B 249 -12.01 -5.75 -25.86
N TRP B 250 -12.36 -4.50 -25.56
CA TRP B 250 -13.45 -4.24 -24.62
C TRP B 250 -14.36 -3.08 -24.99
N VAL B 251 -13.97 -2.29 -25.99
CA VAL B 251 -14.78 -1.15 -26.40
C VAL B 251 -15.66 -1.48 -27.60
N ASN B 252 -16.90 -1.00 -27.58
CA ASN B 252 -17.85 -1.20 -28.65
C ASN B 252 -17.37 -0.27 -29.77
N VAL B 253 -16.54 -0.77 -30.66
CA VAL B 253 -16.01 0.06 -31.74
C VAL B 253 -16.92 0.18 -32.96
N SER B 254 -18.15 -0.33 -32.85
CA SER B 254 -19.08 -0.27 -33.98
C SER B 254 -19.42 1.19 -34.24
N SER B 255 -19.33 2.00 -33.19
CA SER B 255 -19.59 3.43 -33.29
C SER B 255 -18.27 4.05 -33.78
N PRO B 256 -18.33 4.94 -34.79
CA PRO B 256 -17.15 5.60 -35.37
C PRO B 256 -16.32 6.43 -34.37
N PRO B 257 -15.02 6.63 -34.66
CA PRO B 257 -14.11 7.40 -33.80
C PRO B 257 -14.65 8.81 -33.55
N LEU B 258 -14.98 9.09 -32.29
CA LEU B 258 -15.53 10.39 -31.88
C LEU B 258 -14.74 11.58 -32.39
N LEU B 259 -13.44 11.55 -32.15
CA LEU B 259 -12.56 12.65 -32.56
C LEU B 259 -12.45 12.85 -34.07
N LYS B 260 -13.02 11.94 -34.84
CA LYS B 260 -12.96 12.06 -36.29
C LYS B 260 -14.27 12.62 -36.80
N ASP B 261 -15.22 12.83 -35.89
CA ASP B 261 -16.53 13.35 -36.27
C ASP B 261 -16.41 14.62 -37.13
N ALA B 262 -17.14 14.65 -38.23
CA ALA B 262 -17.10 15.78 -39.15
C ALA B 262 -17.44 17.11 -38.49
N LEU B 263 -18.59 17.16 -37.82
CA LEU B 263 -19.03 18.40 -37.17
C LEU B 263 -18.07 18.88 -36.08
N LEU B 264 -17.63 17.96 -35.21
CA LEU B 264 -16.72 18.34 -34.15
C LEU B 264 -15.45 18.98 -34.73
N ASN B 265 -14.96 18.41 -35.83
CA ASN B 265 -13.76 18.93 -36.49
C ASN B 265 -14.00 20.32 -37.12
N SER B 266 -15.15 20.51 -37.75
CA SER B 266 -15.45 21.81 -38.35
C SER B 266 -15.69 22.88 -37.28
N LEU B 267 -16.29 22.50 -36.16
CA LEU B 267 -16.51 23.45 -35.07
C LEU B 267 -15.15 23.87 -34.50
N GLY B 268 -14.23 22.91 -34.44
CA GLY B 268 -12.90 23.21 -33.94
C GLY B 268 -12.18 24.22 -34.82
N LYS B 269 -12.43 24.17 -36.12
CA LYS B 269 -11.78 25.10 -37.05
C LYS B 269 -12.33 26.51 -36.87
N ARG B 270 -13.41 26.64 -36.09
CA ARG B 270 -14.00 27.97 -35.85
C ARG B 270 -13.23 28.70 -34.76
N TYR B 271 -12.57 27.93 -33.90
CA TYR B 271 -11.81 28.50 -32.81
C TYR B 271 -10.35 28.05 -32.83
N ASN B 272 -9.95 27.43 -33.93
CA ASN B 272 -8.58 26.94 -34.07
C ASN B 272 -8.32 25.97 -32.91
N LYS B 273 -9.27 25.06 -32.71
CA LYS B 273 -9.19 24.05 -31.66
C LYS B 273 -9.40 22.67 -32.28
N THR B 274 -8.98 21.63 -31.56
CA THR B 274 -9.14 20.25 -32.04
C THR B 274 -10.49 19.71 -31.60
N ALA B 275 -10.90 18.57 -32.17
CA ALA B 275 -12.19 17.98 -31.78
C ALA B 275 -12.14 17.62 -30.30
N ALA B 276 -10.96 17.19 -29.83
CA ALA B 276 -10.80 16.84 -28.42
C ALA B 276 -11.16 18.04 -27.54
N GLN B 277 -10.59 19.18 -27.87
CA GLN B 277 -10.84 20.40 -27.09
C GLN B 277 -12.30 20.79 -27.21
N ILE B 278 -12.90 20.54 -28.37
CA ILE B 278 -14.30 20.88 -28.55
C ILE B 278 -15.19 20.02 -27.63
N VAL B 279 -15.00 18.70 -27.66
CA VAL B 279 -15.82 17.82 -26.84
C VAL B 279 -15.62 18.01 -25.34
N LEU B 280 -14.41 18.40 -24.93
CA LEU B 280 -14.13 18.63 -23.53
C LEU B 280 -14.79 19.94 -23.11
N ARG B 281 -14.68 20.95 -23.96
CA ARG B 281 -15.30 22.25 -23.68
C ARG B 281 -16.81 22.09 -23.55
N PHE B 282 -17.39 21.31 -24.44
CA PHE B 282 -18.83 21.06 -24.44
C PHE B 282 -19.34 20.58 -23.08
N ASN B 283 -18.70 19.56 -22.51
CA ASN B 283 -19.16 19.05 -21.23
C ASN B 283 -18.86 19.98 -20.05
N ILE B 284 -17.69 20.59 -19.99
CA ILE B 284 -17.44 21.47 -18.85
C ILE B 284 -18.37 22.68 -18.86
N GLN B 285 -18.67 23.19 -20.05
CA GLN B 285 -19.53 24.37 -20.17
C GLN B 285 -20.93 24.10 -19.66
N ARG B 286 -21.31 22.83 -19.57
CA ARG B 286 -22.64 22.53 -19.09
C ARG B 286 -22.60 21.91 -17.68
N GLY B 287 -21.53 22.20 -16.95
CA GLY B 287 -21.41 21.70 -15.59
C GLY B 287 -21.00 20.27 -15.39
N VAL B 288 -20.54 19.62 -16.45
CA VAL B 288 -20.13 18.23 -16.39
C VAL B 288 -18.60 18.13 -16.28
N VAL B 289 -18.15 17.45 -15.24
CA VAL B 289 -16.72 17.26 -15.00
C VAL B 289 -16.17 16.28 -16.05
N VAL B 290 -14.99 16.58 -16.59
CA VAL B 290 -14.38 15.69 -17.59
C VAL B 290 -13.03 15.19 -17.12
N ILE B 291 -12.75 13.89 -17.31
CA ILE B 291 -11.48 13.35 -16.90
C ILE B 291 -10.73 12.63 -18.02
N PRO B 292 -10.45 13.34 -19.11
CA PRO B 292 -9.74 12.77 -20.25
C PRO B 292 -8.40 12.17 -19.85
N LYS B 293 -8.08 11.01 -20.40
CA LYS B 293 -6.83 10.35 -20.11
C LYS B 293 -5.81 10.54 -21.23
N SER B 294 -4.59 10.88 -20.85
CA SER B 294 -3.51 11.01 -21.84
C SER B 294 -2.17 10.85 -21.17
N PHE B 295 -1.34 9.99 -21.75
CA PHE B 295 0.01 9.78 -21.24
C PHE B 295 0.98 10.37 -22.24
N ASN B 296 0.50 11.34 -23.00
CA ASN B 296 1.31 12.01 -24.01
C ASN B 296 1.47 13.48 -23.64
N LEU B 297 2.72 13.92 -23.52
CA LEU B 297 3.04 15.29 -23.16
C LEU B 297 2.21 16.34 -23.87
N GLU B 298 2.24 16.32 -25.20
CA GLU B 298 1.50 17.31 -25.97
C GLU B 298 -0.01 17.23 -25.85
N ARG B 299 -0.55 16.02 -25.79
CA ARG B 299 -1.99 15.88 -25.68
C ARG B 299 -2.51 16.24 -24.29
N ILE B 300 -1.69 16.04 -23.26
CA ILE B 300 -2.09 16.39 -21.90
C ILE B 300 -2.27 17.91 -21.85
N LYS B 301 -1.35 18.62 -22.50
CA LYS B 301 -1.43 20.08 -22.54
C LYS B 301 -2.59 20.53 -23.42
N GLU B 302 -2.77 19.88 -24.56
CA GLU B 302 -3.86 20.21 -25.46
C GLU B 302 -5.22 20.14 -24.77
N ASN B 303 -5.46 19.04 -24.04
CA ASN B 303 -6.74 18.85 -23.37
C ASN B 303 -7.06 19.92 -22.33
N PHE B 304 -6.01 20.51 -21.76
CA PHE B 304 -6.18 21.54 -20.75
C PHE B 304 -6.47 22.93 -21.35
N GLN B 305 -6.17 23.14 -22.63
CA GLN B 305 -6.40 24.44 -23.25
C GLN B 305 -7.86 24.62 -23.66
N ILE B 306 -8.76 24.61 -22.69
CA ILE B 306 -10.17 24.75 -22.96
C ILE B 306 -10.85 25.88 -22.21
N PHE B 307 -10.05 26.82 -21.72
CA PHE B 307 -10.59 27.96 -20.97
C PHE B 307 -10.41 29.29 -21.69
N ASP B 308 -9.82 29.25 -22.88
CA ASP B 308 -9.59 30.47 -23.65
C ASP B 308 -10.64 30.72 -24.75
N PHE B 309 -11.70 29.92 -24.74
CA PHE B 309 -12.77 30.08 -25.70
C PHE B 309 -14.02 29.45 -25.10
N SER B 310 -15.13 29.56 -25.82
CA SER B 310 -16.38 28.98 -25.36
C SER B 310 -17.24 28.65 -26.57
N LEU B 311 -18.22 27.80 -26.36
CA LEU B 311 -19.12 27.39 -27.42
C LEU B 311 -20.38 28.25 -27.32
N THR B 312 -20.88 28.73 -28.46
CA THR B 312 -22.09 29.55 -28.42
C THR B 312 -23.24 28.63 -28.07
N GLU B 313 -24.38 29.20 -27.70
CA GLU B 313 -25.53 28.40 -27.34
C GLU B 313 -25.97 27.55 -28.53
N GLU B 314 -25.84 28.11 -29.73
CA GLU B 314 -26.21 27.40 -30.95
C GLU B 314 -25.31 26.18 -31.09
N GLU B 315 -24.01 26.37 -30.92
CA GLU B 315 -23.05 25.27 -31.04
C GLU B 315 -23.26 24.21 -29.96
N MET B 316 -23.73 24.59 -28.78
CA MET B 316 -23.96 23.60 -27.72
C MET B 316 -25.12 22.69 -28.22
N LYS B 317 -26.10 23.29 -28.90
CA LYS B 317 -27.21 22.49 -29.42
C LYS B 317 -26.73 21.59 -30.55
N ASP B 318 -25.82 22.12 -31.39
CA ASP B 318 -25.28 21.34 -32.50
C ASP B 318 -24.68 20.04 -31.97
N ILE B 319 -23.85 20.18 -30.94
CA ILE B 319 -23.15 19.06 -30.32
C ILE B 319 -24.09 18.09 -29.61
N GLU B 320 -25.09 18.64 -28.91
CA GLU B 320 -26.08 17.81 -28.24
C GLU B 320 -26.79 16.93 -29.26
N ALA B 321 -27.05 17.48 -30.44
CA ALA B 321 -27.75 16.74 -31.50
C ALA B 321 -26.93 15.58 -32.05
N LEU B 322 -25.67 15.47 -31.66
CA LEU B 322 -24.81 14.39 -32.14
C LEU B 322 -25.05 13.10 -31.38
N ASN B 323 -25.78 13.21 -30.28
CA ASN B 323 -26.06 12.06 -29.44
C ASN B 323 -26.67 10.88 -30.22
N LYS B 324 -26.02 9.71 -30.12
CA LYS B 324 -26.48 8.51 -30.81
C LYS B 324 -27.12 7.52 -29.85
N ASN B 325 -26.98 7.78 -28.55
CA ASN B 325 -27.55 6.90 -27.54
C ASN B 325 -26.90 5.51 -27.70
N VAL B 326 -25.61 5.52 -28.01
CA VAL B 326 -24.82 4.31 -28.18
C VAL B 326 -23.57 4.46 -27.32
N ARG B 327 -23.37 3.51 -26.41
CA ARG B 327 -22.23 3.52 -25.50
C ARG B 327 -21.01 2.86 -26.11
N PHE B 328 -19.83 3.39 -25.76
CA PHE B 328 -18.58 2.81 -26.21
C PHE B 328 -18.24 1.77 -25.14
N VAL B 329 -18.74 1.99 -23.92
CA VAL B 329 -18.49 1.06 -22.82
C VAL B 329 -19.80 0.39 -22.38
N GLU B 330 -20.07 -0.76 -22.96
CA GLU B 330 -21.28 -1.52 -22.67
C GLU B 330 -21.19 -2.57 -21.59
N LEU B 331 -20.00 -3.13 -21.39
CA LEU B 331 -19.81 -4.17 -20.37
C LEU B 331 -20.83 -5.28 -20.57
N LEU B 332 -20.94 -5.72 -21.82
CA LEU B 332 -21.90 -6.76 -22.18
C LEU B 332 -21.73 -8.06 -21.42
N MET B 333 -20.49 -8.38 -21.01
CA MET B 333 -20.25 -9.62 -20.28
C MET B 333 -20.92 -9.69 -18.92
N TRP B 334 -21.46 -8.57 -18.45
CA TRP B 334 -22.12 -8.56 -17.16
C TRP B 334 -23.60 -8.22 -17.22
N ARG B 335 -24.18 -8.27 -18.42
CA ARG B 335 -25.59 -7.93 -18.57
C ARG B 335 -26.51 -8.89 -17.80
N ASP B 336 -25.96 -9.99 -17.32
CA ASP B 336 -26.74 -10.97 -16.57
C ASP B 336 -26.71 -10.70 -15.07
N HIS B 337 -25.94 -9.70 -14.66
CA HIS B 337 -25.88 -9.36 -13.23
C HIS B 337 -27.18 -8.65 -12.86
N PRO B 338 -27.79 -9.04 -11.74
CA PRO B 338 -29.05 -8.41 -11.31
C PRO B 338 -29.00 -6.89 -11.30
N GLU B 339 -27.84 -6.33 -10.95
CA GLU B 339 -27.69 -4.88 -10.91
C GLU B 339 -27.03 -4.22 -12.12
N TYR B 340 -27.07 -4.89 -13.26
CA TYR B 340 -26.49 -4.33 -14.49
C TYR B 340 -27.26 -3.04 -14.72
N PRO B 341 -26.57 -1.88 -14.69
CA PRO B 341 -27.17 -0.56 -14.87
C PRO B 341 -27.63 -0.08 -16.24
N PHE B 342 -27.21 -0.74 -17.31
CA PHE B 342 -27.57 -0.26 -18.64
C PHE B 342 -28.82 -0.83 -19.31
N HIS B 343 -29.59 -1.64 -18.59
CA HIS B 343 -30.81 -2.19 -19.17
C HIS B 343 -31.87 -1.10 -19.21
N ASP B 344 -31.97 -0.32 -18.13
CA ASP B 344 -32.97 0.74 -18.07
C ASP B 344 -32.67 1.88 -19.04
N GLU B 345 -33.70 2.62 -19.41
CA GLU B 345 -33.56 3.75 -20.32
C GLU B 345 -32.42 4.64 -19.82
N TYR B 346 -32.40 4.88 -18.51
CA TYR B 346 -31.38 5.70 -17.87
C TYR B 346 -31.44 5.52 -16.36
#